data_1QU1
#
_entry.id   1QU1
#
_cell.length_a   113.241
_cell.length_b   48.877
_cell.length_c   221.303
_cell.angle_alpha   90.00
_cell.angle_beta   103.26
_cell.angle_gamma   90.00
#
_symmetry.space_group_name_H-M   'C 1 2 1'
#
loop_
_entity.id
_entity.type
_entity.pdbx_description
1 polymer 'PROTEIN (INFLUENZA RECOMBINANT HA2 CHAIN)'
2 water water
#
_entity_poly.entity_id   1
_entity_poly.type   'polypeptide(L)'
_entity_poly.pdbx_seq_one_letter_code
;GTGQAADLKSTQAAIDQINGKLNRVIEKTNEKFHQIEKEFSEVEGRIQDLEKYVEDTKIDLWSYNAELLVALENQHTIDL
TDSEMNKLFEKTRRQLRENAEEMGNGSFKIYHKCDNACIESIRNGTYDHDVYRDEALNNRFQIKGVELKSGYKDW
;
_entity_poly.pdbx_strand_id   A,B,C,D,E,F
#
# COMPACT_ATOMS: atom_id res chain seq x y z
N GLN A 4 13.14 11.25 -6.44
CA GLN A 4 12.99 10.18 -5.42
C GLN A 4 13.88 8.97 -5.76
N ALA A 5 13.49 7.78 -5.32
CA ALA A 5 14.23 6.55 -5.58
C ALA A 5 15.69 6.53 -5.08
N ALA A 6 15.91 5.78 -4.01
CA ALA A 6 17.24 5.66 -3.43
C ALA A 6 17.97 4.48 -4.04
N ASP A 7 19.23 4.70 -4.43
CA ASP A 7 20.01 3.63 -5.02
C ASP A 7 20.17 2.48 -4.04
N LEU A 8 19.95 1.27 -4.53
CA LEU A 8 20.06 0.05 -3.72
C LEU A 8 21.42 -0.05 -3.06
N LYS A 9 22.46 -0.17 -3.88
CA LYS A 9 23.83 -0.30 -3.41
C LYS A 9 24.11 0.62 -2.22
N SER A 10 23.88 1.92 -2.40
CA SER A 10 24.10 2.92 -1.36
C SER A 10 23.24 2.70 -0.11
N THR A 11 21.98 2.32 -0.32
CA THR A 11 21.06 2.08 0.78
C THR A 11 21.48 0.85 1.56
N GLN A 12 22.11 -0.10 0.87
CA GLN A 12 22.57 -1.31 1.51
C GLN A 12 23.76 -0.96 2.40
N ALA A 13 24.60 -0.05 1.91
CA ALA A 13 25.78 0.40 2.64
C ALA A 13 25.41 1.13 3.93
N ALA A 14 24.36 1.95 3.86
CA ALA A 14 23.88 2.69 5.03
C ALA A 14 23.36 1.70 6.06
N ILE A 15 22.53 0.76 5.60
CA ILE A 15 21.98 -0.26 6.48
C ILE A 15 23.12 -1.09 7.10
N ASP A 16 24.13 -1.40 6.30
CA ASP A 16 25.25 -2.19 6.80
C ASP A 16 26.15 -1.41 7.77
N GLN A 17 26.24 -0.09 7.58
CA GLN A 17 27.05 0.71 8.49
C GLN A 17 26.29 0.73 9.82
N ILE A 18 24.99 0.91 9.73
CA ILE A 18 24.13 0.93 10.91
C ILE A 18 24.15 -0.39 11.66
N ASN A 19 23.83 -1.50 10.98
CA ASN A 19 23.80 -2.81 11.62
C ASN A 19 25.17 -3.12 12.23
N GLY A 20 26.22 -2.74 11.52
CA GLY A 20 27.57 -2.97 12.02
C GLY A 20 27.76 -2.36 13.39
N LYS A 21 27.58 -1.05 13.50
CA LYS A 21 27.75 -0.36 14.77
C LYS A 21 26.83 -0.93 15.85
N LEU A 22 25.57 -1.21 15.49
CA LEU A 22 24.65 -1.78 16.46
C LEU A 22 25.27 -3.04 17.05
N ASN A 23 25.65 -3.98 16.19
CA ASN A 23 26.24 -5.21 16.69
C ASN A 23 27.45 -4.97 17.59
N ARG A 24 28.20 -3.91 17.32
CA ARG A 24 29.35 -3.62 18.18
C ARG A 24 28.86 -3.23 19.56
N VAL A 25 27.70 -2.58 19.60
CA VAL A 25 27.11 -2.15 20.86
C VAL A 25 26.48 -3.32 21.62
N ILE A 26 25.82 -4.22 20.90
CA ILE A 26 25.21 -5.39 21.53
C ILE A 26 26.33 -6.23 22.10
N GLU A 27 27.44 -6.30 21.37
CA GLU A 27 28.58 -7.10 21.80
C GLU A 27 29.30 -6.46 22.98
N LYS A 28 29.60 -5.18 22.89
CA LYS A 28 30.31 -4.53 23.99
C LYS A 28 29.51 -4.46 25.28
N THR A 29 28.19 -4.32 25.18
CA THR A 29 27.36 -4.25 26.38
C THR A 29 27.12 -5.63 26.94
N ASN A 30 27.04 -6.63 26.06
CA ASN A 30 26.87 -8.00 26.50
C ASN A 30 28.04 -8.30 27.44
N GLU A 31 29.25 -8.02 26.95
CA GLU A 31 30.45 -8.28 27.73
C GLU A 31 30.57 -7.43 28.98
N LYS A 32 30.37 -6.12 28.83
CA LYS A 32 30.50 -5.25 29.99
C LYS A 32 29.61 -5.68 31.15
N PHE A 33 28.37 -6.08 30.86
CA PHE A 33 27.46 -6.48 31.93
C PHE A 33 27.93 -7.71 32.68
N HIS A 34 28.69 -8.58 32.02
CA HIS A 34 29.18 -9.77 32.69
C HIS A 34 30.40 -9.41 33.54
N GLN A 35 31.09 -8.37 33.12
CA GLN A 35 32.24 -7.86 33.86
C GLN A 35 31.70 -7.17 35.11
N ILE A 36 30.64 -6.37 34.95
CA ILE A 36 30.05 -5.69 36.11
C ILE A 36 29.56 -6.73 37.11
N GLU A 37 28.93 -7.77 36.61
CA GLU A 37 28.43 -8.85 37.46
C GLU A 37 29.58 -9.48 38.26
N LYS A 38 30.71 -9.65 37.60
CA LYS A 38 31.90 -10.22 38.24
C LYS A 38 32.42 -9.31 39.35
N GLU A 39 32.63 -8.04 39.01
CA GLU A 39 33.13 -7.07 40.00
C GLU A 39 32.19 -7.03 41.20
N PHE A 40 30.89 -7.17 40.96
CA PHE A 40 29.92 -7.16 42.05
C PHE A 40 30.16 -8.37 42.96
N SER A 41 30.32 -9.54 42.36
CA SER A 41 30.56 -10.73 43.15
C SER A 41 31.82 -10.59 44.00
N GLU A 42 32.87 -10.00 43.44
CA GLU A 42 34.11 -9.81 44.21
C GLU A 42 33.87 -8.85 45.37
N VAL A 43 33.19 -7.74 45.09
CA VAL A 43 32.91 -6.79 46.15
C VAL A 43 32.10 -7.43 47.27
N GLU A 44 31.08 -8.20 46.91
CA GLU A 44 30.27 -8.87 47.90
C GLU A 44 31.08 -9.92 48.69
N GLY A 45 32.03 -10.58 48.03
CA GLY A 45 32.86 -11.55 48.72
C GLY A 45 33.79 -10.89 49.71
N ARG A 46 34.23 -9.70 49.35
CA ARG A 46 35.14 -8.93 50.20
C ARG A 46 34.39 -8.50 51.47
N ILE A 47 33.14 -8.09 51.31
CA ILE A 47 32.33 -7.69 52.46
C ILE A 47 32.08 -8.89 53.35
N GLN A 48 31.71 -10.02 52.76
CA GLN A 48 31.47 -11.22 53.56
C GLN A 48 32.72 -11.62 54.33
N ASP A 49 33.88 -11.51 53.69
CA ASP A 49 35.16 -11.85 54.33
C ASP A 49 35.50 -10.85 55.44
N LEU A 50 35.18 -9.57 55.24
CA LEU A 50 35.45 -8.53 56.23
C LEU A 50 34.57 -8.75 57.45
N GLU A 51 33.31 -9.14 57.23
CA GLU A 51 32.39 -9.43 58.32
C GLU A 51 32.95 -10.56 59.18
N LYS A 52 33.47 -11.59 58.53
CA LYS A 52 34.05 -12.70 59.25
C LYS A 52 35.28 -12.23 60.04
N TYR A 53 36.09 -11.35 59.44
CA TYR A 53 37.27 -10.83 60.13
C TYR A 53 36.87 -10.02 61.38
N VAL A 54 35.85 -9.18 61.21
CA VAL A 54 35.36 -8.35 62.30
C VAL A 54 34.94 -9.27 63.43
N GLU A 55 34.18 -10.30 63.10
CA GLU A 55 33.72 -11.25 64.09
C GLU A 55 34.90 -11.92 64.81
N ASP A 56 35.88 -12.42 64.06
CA ASP A 56 37.06 -13.02 64.70
C ASP A 56 37.78 -12.04 65.61
N THR A 57 37.89 -10.78 65.18
CA THR A 57 38.59 -9.78 65.97
C THR A 57 37.86 -9.53 67.27
N LYS A 58 36.55 -9.38 67.17
CA LYS A 58 35.70 -9.15 68.33
C LYS A 58 35.75 -10.34 69.31
N ILE A 59 35.48 -11.53 68.79
CA ILE A 59 35.49 -12.73 69.62
C ILE A 59 36.82 -12.97 70.32
N ASP A 60 37.95 -12.74 69.64
CA ASP A 60 39.21 -12.97 70.34
C ASP A 60 39.44 -11.99 71.50
N LEU A 61 38.96 -10.76 71.37
CA LEU A 61 39.13 -9.79 72.45
C LEU A 61 38.19 -10.17 73.61
N TRP A 62 36.99 -10.62 73.29
CA TRP A 62 36.07 -11.06 74.33
C TRP A 62 36.61 -12.35 74.99
N SER A 63 37.22 -13.23 74.19
CA SER A 63 37.80 -14.47 74.75
C SER A 63 38.89 -14.06 75.73
N TYR A 64 39.68 -13.05 75.38
CA TYR A 64 40.73 -12.60 76.27
C TYR A 64 40.15 -12.06 77.58
N ASN A 65 39.06 -11.31 77.49
CA ASN A 65 38.43 -10.76 78.68
C ASN A 65 37.97 -11.90 79.59
N ALA A 66 37.32 -12.90 79.03
CA ALA A 66 36.85 -14.03 79.83
C ALA A 66 38.03 -14.74 80.49
N GLU A 67 39.12 -14.88 79.73
CA GLU A 67 40.32 -15.56 80.23
C GLU A 67 41.00 -14.83 81.37
N LEU A 68 41.08 -13.50 81.30
CA LEU A 68 41.70 -12.74 82.38
C LEU A 68 40.80 -12.85 83.63
N LEU A 69 39.48 -12.85 83.44
CA LEU A 69 38.58 -12.99 84.59
C LEU A 69 38.82 -14.34 85.26
N VAL A 70 38.87 -15.41 84.47
CA VAL A 70 39.10 -16.73 85.07
C VAL A 70 40.48 -16.84 85.72
N ALA A 71 41.50 -16.21 85.14
CA ALA A 71 42.85 -16.26 85.71
C ALA A 71 42.90 -15.56 87.06
N LEU A 72 42.23 -14.41 87.15
CA LEU A 72 42.22 -13.66 88.40
C LEU A 72 41.45 -14.43 89.47
N GLU A 73 40.38 -15.09 89.05
CA GLU A 73 39.58 -15.88 90.00
C GLU A 73 40.44 -17.04 90.48
N ASN A 74 41.05 -17.72 89.52
CA ASN A 74 41.90 -18.85 89.82
C ASN A 74 42.97 -18.54 90.86
N GLN A 75 43.51 -17.32 90.86
CA GLN A 75 44.49 -17.04 91.89
C GLN A 75 43.85 -16.35 93.10
N HIS A 76 42.54 -16.51 93.21
CA HIS A 76 41.81 -15.94 94.34
C HIS A 76 41.95 -14.43 94.53
N THR A 77 41.90 -13.68 93.43
CA THR A 77 41.98 -12.22 93.49
C THR A 77 40.55 -11.70 93.41
N ILE A 78 39.73 -12.43 92.67
CA ILE A 78 38.31 -12.10 92.50
C ILE A 78 37.47 -13.38 92.52
N ASP A 79 36.17 -13.17 92.74
CA ASP A 79 35.16 -14.23 92.78
C ASP A 79 34.11 -13.82 91.74
N LEU A 80 34.07 -14.59 90.65
CA LEU A 80 33.16 -14.33 89.54
C LEU A 80 31.67 -14.44 89.86
N THR A 81 31.34 -14.87 91.07
CA THR A 81 29.94 -14.97 91.45
C THR A 81 29.53 -13.72 92.25
N ASP A 82 30.51 -12.93 92.67
CA ASP A 82 30.22 -11.69 93.38
C ASP A 82 29.43 -10.83 92.36
N SER A 83 28.42 -10.10 92.81
CA SER A 83 27.58 -9.29 91.93
C SER A 83 28.29 -8.47 90.86
N GLU A 84 29.15 -7.54 91.27
CA GLU A 84 29.87 -6.71 90.31
C GLU A 84 30.71 -7.50 89.31
N MET A 85 31.46 -8.46 89.83
CA MET A 85 32.29 -9.30 88.98
C MET A 85 31.45 -10.17 88.05
N ASN A 86 30.31 -10.66 88.55
CA ASN A 86 29.47 -11.52 87.74
C ASN A 86 28.88 -10.75 86.56
N LYS A 87 28.67 -9.45 86.72
CA LYS A 87 28.15 -8.65 85.62
C LYS A 87 29.18 -8.63 84.50
N LEU A 88 30.44 -8.48 84.86
CA LEU A 88 31.49 -8.49 83.85
C LEU A 88 31.56 -9.88 83.22
N PHE A 89 31.52 -10.91 84.06
CA PHE A 89 31.59 -12.27 83.54
C PHE A 89 30.42 -12.56 82.60
N GLU A 90 29.21 -12.09 82.94
CA GLU A 90 28.05 -12.31 82.08
C GLU A 90 28.18 -11.54 80.76
N LYS A 91 28.81 -10.38 80.77
CA LYS A 91 29.00 -9.69 79.50
C LYS A 91 29.86 -10.56 78.59
N THR A 92 30.88 -11.22 79.13
CA THR A 92 31.73 -12.03 78.27
C THR A 92 31.01 -13.25 77.75
N ARG A 93 30.19 -13.86 78.60
CA ARG A 93 29.46 -15.04 78.19
C ARG A 93 28.49 -14.67 77.09
N ARG A 94 27.84 -13.53 77.26
CA ARG A 94 26.87 -13.05 76.29
C ARG A 94 27.50 -12.83 74.92
N GLN A 95 28.74 -12.33 74.89
CA GLN A 95 29.41 -12.07 73.63
C GLN A 95 29.95 -13.36 73.03
N LEU A 96 30.34 -14.29 73.90
CA LEU A 96 30.86 -15.56 73.45
C LEU A 96 29.71 -16.55 73.28
N GLY A 106 39.54 -24.10 72.50
CA GLY A 106 40.78 -23.92 73.24
C GLY A 106 40.57 -23.29 74.61
N SER A 107 39.48 -23.66 75.27
CA SER A 107 39.15 -23.13 76.59
C SER A 107 38.72 -21.68 76.50
N PHE A 108 39.50 -20.92 75.74
CA PHE A 108 39.26 -19.50 75.49
C PHE A 108 39.75 -19.20 74.09
N LYS A 109 39.65 -20.20 73.23
CA LYS A 109 40.06 -20.03 71.85
C LYS A 109 38.93 -20.48 70.96
N ILE A 110 38.46 -19.55 70.13
CA ILE A 110 37.40 -19.84 69.20
C ILE A 110 38.03 -19.87 67.82
N TYR A 111 37.73 -20.90 67.03
CA TYR A 111 38.33 -21.00 65.71
C TYR A 111 37.92 -19.83 64.79
N HIS A 112 38.87 -19.35 64.00
CA HIS A 112 38.60 -18.22 63.11
C HIS A 112 37.70 -18.57 61.93
N LYS A 113 36.77 -17.66 61.62
CA LYS A 113 35.87 -17.83 60.48
C LYS A 113 36.52 -17.22 59.24
N CYS A 114 37.51 -16.35 59.44
CA CYS A 114 38.23 -15.73 58.33
C CYS A 114 39.62 -16.34 58.26
N ASP A 115 39.83 -17.24 57.30
CA ASP A 115 41.14 -17.91 57.16
C ASP A 115 42.25 -17.05 56.57
N ASN A 116 43.42 -17.65 56.39
CA ASN A 116 44.57 -16.93 55.85
C ASN A 116 44.27 -16.23 54.52
N ALA A 117 43.59 -16.92 53.61
CA ALA A 117 43.24 -16.35 52.32
C ALA A 117 42.25 -15.20 52.52
N CYS A 118 41.27 -15.42 53.39
CA CYS A 118 40.27 -14.39 53.69
C CYS A 118 41.02 -13.14 54.17
N ILE A 119 41.95 -13.31 55.10
CA ILE A 119 42.73 -12.18 55.63
C ILE A 119 43.56 -11.52 54.53
N GLU A 120 44.18 -12.32 53.66
CA GLU A 120 44.99 -11.79 52.57
C GLU A 120 44.16 -10.92 51.65
N SER A 121 42.98 -11.43 51.31
CA SER A 121 42.06 -10.74 50.43
C SER A 121 41.56 -9.39 50.98
N ILE A 122 41.14 -9.33 52.24
CA ILE A 122 40.64 -8.02 52.74
C ILE A 122 41.75 -7.00 52.93
N ARG A 123 42.99 -7.45 53.06
CA ARG A 123 44.09 -6.50 53.23
C ARG A 123 44.73 -6.08 51.91
N ASN A 124 45.02 -7.06 51.05
CA ASN A 124 45.69 -6.81 49.78
C ASN A 124 44.93 -7.21 48.50
N GLY A 125 43.78 -7.82 48.67
CA GLY A 125 43.00 -8.24 47.52
C GLY A 125 42.70 -7.15 46.52
N THR A 126 42.93 -7.45 45.26
CA THR A 126 42.68 -6.49 44.16
C THR A 126 41.37 -6.87 43.49
N TYR A 127 40.95 -6.04 42.53
CA TYR A 127 39.70 -6.26 41.82
C TYR A 127 39.84 -6.31 40.32
N ASP A 128 38.89 -7.01 39.70
CA ASP A 128 38.80 -7.13 38.26
C ASP A 128 37.88 -5.96 37.87
N HIS A 129 38.51 -4.80 37.79
CA HIS A 129 37.89 -3.50 37.49
C HIS A 129 38.00 -3.14 36.02
N ASP A 130 36.99 -3.50 35.24
CA ASP A 130 36.96 -3.21 33.82
C ASP A 130 36.64 -1.75 33.54
N VAL A 131 37.43 -1.17 32.65
CA VAL A 131 37.28 0.21 32.21
C VAL A 131 36.73 0.11 30.78
N TYR A 132 35.48 0.52 30.61
CA TYR A 132 34.82 0.48 29.32
C TYR A 132 35.54 1.30 28.26
N ARG A 133 35.65 0.72 27.08
CA ARG A 133 36.27 1.39 25.93
C ARG A 133 35.13 2.09 25.19
N ASP A 134 35.09 3.41 25.27
CA ASP A 134 34.03 4.20 24.62
C ASP A 134 33.80 3.88 23.15
N GLU A 135 32.56 3.58 22.79
CA GLU A 135 32.24 3.31 21.40
C GLU A 135 32.06 4.67 20.74
N ALA A 136 32.58 4.81 19.52
CA ALA A 136 32.47 6.07 18.80
C ALA A 136 31.06 6.27 18.22
N LEU A 137 30.62 7.51 18.14
CA LEU A 137 29.29 7.78 17.59
C LEU A 137 29.32 7.41 16.12
N ASN A 138 28.21 6.94 15.58
CA ASN A 138 28.18 6.57 14.18
C ASN A 138 27.89 7.76 13.28
N ASN A 139 28.76 7.97 12.29
CA ASN A 139 28.61 9.10 11.36
C ASN A 139 27.36 8.96 10.52
N ARG A 140 26.86 10.10 10.01
CA ARG A 140 25.67 10.08 9.18
C ARG A 140 26.01 9.53 7.81
N PHE A 141 25.21 8.58 7.33
CA PHE A 141 25.47 8.03 6.02
C PHE A 141 24.59 8.75 5.01
N GLN A 142 25.23 9.35 4.02
CA GLN A 142 24.53 10.08 2.97
C GLN A 142 24.19 9.11 1.84
N ILE A 143 22.94 8.67 1.76
CA ILE A 143 22.53 7.75 0.70
C ILE A 143 22.43 8.52 -0.62
N LYS A 144 23.06 7.99 -1.67
CA LYS A 144 23.08 8.63 -2.99
C LYS A 144 21.73 8.83 -3.68
N GLY A 145 20.99 7.74 -3.88
CA GLY A 145 19.70 7.83 -4.56
C GLY A 145 19.84 7.78 -6.07
N GLY B 3 7.18 -3.77 -6.96
CA GLY B 3 6.21 -2.78 -6.42
C GLY B 3 6.86 -1.55 -5.81
N GLN B 4 6.81 -0.44 -6.54
CA GLN B 4 7.37 0.83 -6.08
C GLN B 4 8.84 0.79 -5.66
N ALA B 5 9.47 1.96 -5.68
CA ALA B 5 10.85 2.10 -5.28
C ALA B 5 10.86 2.97 -4.03
N ALA B 6 11.86 2.80 -3.18
CA ALA B 6 11.95 3.59 -1.96
C ALA B 6 12.34 5.02 -2.28
N ASP B 7 11.57 5.97 -1.76
CA ASP B 7 11.87 7.38 -1.98
C ASP B 7 13.17 7.72 -1.27
N LEU B 8 14.05 8.46 -1.95
CA LEU B 8 15.34 8.82 -1.36
C LEU B 8 15.24 9.63 -0.07
N LYS B 9 14.49 10.72 -0.09
CA LYS B 9 14.38 11.56 1.10
C LYS B 9 13.74 10.88 2.29
N SER B 10 12.81 9.97 2.04
CA SER B 10 12.17 9.28 3.15
C SER B 10 13.16 8.30 3.76
N THR B 11 13.89 7.58 2.90
CA THR B 11 14.87 6.62 3.38
C THR B 11 15.95 7.30 4.22
N GLN B 12 16.55 8.36 3.69
CA GLN B 12 17.59 9.09 4.44
C GLN B 12 17.04 9.47 5.81
N ALA B 13 15.76 9.85 5.84
CA ALA B 13 15.07 10.23 7.06
C ALA B 13 15.02 9.07 8.04
N ALA B 14 14.53 7.93 7.57
CA ALA B 14 14.42 6.73 8.38
C ALA B 14 15.78 6.26 8.89
N ILE B 15 16.82 6.48 8.09
CA ILE B 15 18.18 6.09 8.43
C ILE B 15 18.81 7.03 9.47
N ASP B 16 18.58 8.34 9.30
CA ASP B 16 19.11 9.32 10.26
C ASP B 16 18.37 9.13 11.59
N GLN B 17 17.09 8.78 11.50
CA GLN B 17 16.28 8.58 12.69
C GLN B 17 16.82 7.45 13.53
N ILE B 18 17.18 6.36 12.87
CA ILE B 18 17.73 5.19 13.55
C ILE B 18 19.10 5.57 14.10
N ASN B 19 19.92 6.15 13.24
CA ASN B 19 21.26 6.53 13.64
C ASN B 19 21.24 7.51 14.81
N GLY B 20 20.23 8.36 14.86
CA GLY B 20 20.13 9.32 15.95
C GLY B 20 19.86 8.63 17.27
N LYS B 21 18.97 7.64 17.25
CA LYS B 21 18.65 6.92 18.47
C LYS B 21 19.85 6.08 18.90
N LEU B 22 20.49 5.41 17.95
CA LEU B 22 21.65 4.58 18.26
C LEU B 22 22.77 5.40 18.88
N ASN B 23 23.02 6.59 18.35
CA ASN B 23 24.08 7.44 18.89
C ASN B 23 23.72 7.92 20.30
N ARG B 24 22.42 8.07 20.58
CA ARG B 24 22.01 8.48 21.92
C ARG B 24 22.35 7.32 22.87
N VAL B 25 22.10 6.09 22.41
CA VAL B 25 22.37 4.89 23.19
C VAL B 25 23.85 4.70 23.41
N ILE B 26 24.63 4.99 22.39
CA ILE B 26 26.07 4.85 22.51
C ILE B 26 26.62 5.83 23.55
N GLU B 27 26.18 7.09 23.47
CA GLU B 27 26.67 8.08 24.41
C GLU B 27 26.20 7.83 25.83
N LYS B 28 24.93 7.43 25.98
CA LYS B 28 24.42 7.18 27.31
C LYS B 28 24.98 5.93 27.98
N THR B 29 25.28 4.90 27.20
CA THR B 29 25.87 3.71 27.80
C THR B 29 27.32 4.03 28.14
N ASN B 30 28.02 4.73 27.23
CA ASN B 30 29.41 5.14 27.44
C ASN B 30 29.52 5.84 28.80
N GLU B 31 28.61 6.79 29.01
CA GLU B 31 28.58 7.60 30.23
C GLU B 31 28.17 6.82 31.46
N LYS B 32 27.12 6.02 31.36
CA LYS B 32 26.68 5.21 32.48
C LYS B 32 27.79 4.27 32.92
N PHE B 33 28.41 3.55 31.98
CA PHE B 33 29.48 2.64 32.39
C PHE B 33 30.60 3.36 33.16
N HIS B 34 30.90 4.61 32.82
CA HIS B 34 31.95 5.31 33.56
C HIS B 34 31.47 5.67 34.97
N GLN B 35 30.17 5.91 35.09
CA GLN B 35 29.58 6.23 36.38
C GLN B 35 29.60 4.95 37.21
N ILE B 36 29.29 3.82 36.58
CA ILE B 36 29.32 2.54 37.28
C ILE B 36 30.72 2.22 37.76
N GLU B 37 31.71 2.47 36.92
CA GLU B 37 33.10 2.21 37.29
C GLU B 37 33.49 3.08 38.48
N LYS B 38 33.13 4.36 38.45
CA LYS B 38 33.46 5.27 39.55
C LYS B 38 32.79 4.83 40.85
N GLU B 39 31.56 4.36 40.78
CA GLU B 39 30.90 3.92 41.99
C GLU B 39 31.59 2.66 42.54
N PHE B 40 32.02 1.75 41.66
CA PHE B 40 32.73 0.56 42.12
C PHE B 40 33.99 0.94 42.90
N SER B 41 34.76 1.87 42.36
CA SER B 41 36.00 2.32 43.01
C SER B 41 35.70 2.88 44.39
N GLU B 42 34.63 3.63 44.50
CA GLU B 42 34.25 4.22 45.77
C GLU B 42 33.88 3.13 46.79
N VAL B 43 33.05 2.18 46.37
CA VAL B 43 32.65 1.10 47.25
C VAL B 43 33.88 0.31 47.72
N GLU B 44 34.77 0.01 46.79
CA GLU B 44 35.99 -0.74 47.06
C GLU B 44 36.93 0.01 48.00
N GLY B 45 37.03 1.33 47.82
CA GLY B 45 37.87 2.14 48.67
C GLY B 45 37.32 2.21 50.07
N ARG B 46 36.00 2.25 50.19
CA ARG B 46 35.31 2.31 51.48
C ARG B 46 35.54 1.00 52.24
N ILE B 47 35.43 -0.14 51.56
CA ILE B 47 35.66 -1.42 52.21
C ILE B 47 37.11 -1.46 52.69
N GLN B 48 38.03 -0.91 51.89
CA GLN B 48 39.43 -0.92 52.28
C GLN B 48 39.67 -0.04 53.52
N ASP B 49 39.02 1.11 53.55
CA ASP B 49 39.14 2.03 54.67
C ASP B 49 38.51 1.44 55.94
N LEU B 50 37.43 0.69 55.80
CA LEU B 50 36.80 0.08 56.96
C LEU B 50 37.73 -0.99 57.53
N GLU B 51 38.31 -1.79 56.65
CA GLU B 51 39.23 -2.85 57.06
C GLU B 51 40.38 -2.23 57.86
N LYS B 52 40.89 -1.08 57.41
CA LYS B 52 41.98 -0.40 58.12
C LYS B 52 41.54 0.10 59.50
N TYR B 53 40.32 0.63 59.55
CA TYR B 53 39.80 1.12 60.83
C TYR B 53 39.64 -0.05 61.81
N VAL B 54 39.28 -1.22 61.31
CA VAL B 54 39.13 -2.41 62.16
C VAL B 54 40.51 -2.79 62.73
N GLU B 55 41.55 -2.73 61.90
CA GLU B 55 42.90 -3.05 62.36
C GLU B 55 43.37 -2.09 63.45
N ASP B 56 43.06 -0.80 63.29
CA ASP B 56 43.46 0.21 64.27
C ASP B 56 42.70 -0.01 65.57
N THR B 57 41.41 -0.30 65.45
CA THR B 57 40.56 -0.55 66.60
C THR B 57 41.13 -1.74 67.36
N LYS B 58 41.50 -2.77 66.60
CA LYS B 58 42.05 -3.98 67.18
C LYS B 58 43.36 -3.77 67.93
N ILE B 59 44.34 -3.12 67.31
CA ILE B 59 45.61 -2.92 67.99
C ILE B 59 45.46 -1.98 69.19
N ASP B 60 44.59 -0.97 69.13
CA ASP B 60 44.48 -0.12 70.32
C ASP B 60 43.90 -0.89 71.52
N LEU B 61 42.97 -1.80 71.27
CA LEU B 61 42.40 -2.58 72.37
C LEU B 61 43.47 -3.57 72.89
N TRP B 62 44.21 -4.20 71.99
CA TRP B 62 45.26 -5.12 72.45
C TRP B 62 46.38 -4.39 73.20
N SER B 63 46.69 -3.17 72.78
CA SER B 63 47.72 -2.39 73.47
C SER B 63 47.22 -2.11 74.88
N TYR B 64 45.94 -1.79 75.00
CA TYR B 64 45.37 -1.55 76.32
C TYR B 64 45.51 -2.81 77.18
N ASN B 65 45.19 -3.98 76.61
CA ASN B 65 45.30 -5.22 77.37
C ASN B 65 46.72 -5.41 77.91
N ALA B 66 47.71 -5.18 77.05
CA ALA B 66 49.09 -5.32 77.46
C ALA B 66 49.45 -4.36 78.59
N GLU B 67 48.96 -3.13 78.51
CA GLU B 67 49.25 -2.13 79.52
C GLU B 67 48.68 -2.44 80.87
N LEU B 68 47.45 -2.96 80.91
CA LEU B 68 46.82 -3.34 82.17
C LEU B 68 47.66 -4.46 82.80
N LEU B 69 48.08 -5.45 82.02
CA LEU B 69 48.89 -6.52 82.58
C LEU B 69 50.13 -5.96 83.25
N VAL B 70 50.81 -5.03 82.60
CA VAL B 70 52.01 -4.43 83.16
C VAL B 70 51.68 -3.70 84.47
N ALA B 71 50.60 -2.93 84.49
CA ALA B 71 50.22 -2.22 85.70
C ALA B 71 49.91 -3.20 86.83
N LEU B 72 49.14 -4.26 86.54
CA LEU B 72 48.83 -5.24 87.58
C LEU B 72 50.09 -5.93 88.08
N GLU B 73 51.03 -6.20 87.16
CA GLU B 73 52.27 -6.85 87.56
C GLU B 73 53.07 -5.93 88.48
N ASN B 74 53.21 -4.67 88.06
CA ASN B 74 53.95 -3.67 88.82
C ASN B 74 53.36 -3.50 90.23
N GLN B 75 52.04 -3.61 90.31
CA GLN B 75 51.26 -3.46 91.54
C GLN B 75 51.35 -4.76 92.37
N HIS B 76 51.88 -5.80 91.75
CA HIS B 76 52.03 -7.12 92.35
C HIS B 76 50.71 -7.86 92.56
N THR B 77 49.71 -7.52 91.76
CA THR B 77 48.41 -8.17 91.84
C THR B 77 48.53 -9.52 91.13
N ILE B 78 49.39 -9.56 90.13
CA ILE B 78 49.62 -10.79 89.37
C ILE B 78 51.11 -11.02 89.18
N ASP B 79 51.47 -12.28 89.04
CA ASP B 79 52.85 -12.71 88.82
C ASP B 79 52.83 -13.30 87.41
N LEU B 80 53.62 -12.72 86.53
CA LEU B 80 53.68 -13.16 85.14
C LEU B 80 54.41 -14.48 84.91
N THR B 81 54.89 -15.10 85.97
CA THR B 81 55.60 -16.38 85.85
C THR B 81 54.63 -17.56 85.82
N ASP B 82 53.50 -17.41 86.48
CA ASP B 82 52.47 -18.45 86.52
C ASP B 82 52.12 -18.78 85.07
N SER B 83 51.81 -20.04 84.78
CA SER B 83 51.48 -20.43 83.42
C SER B 83 50.31 -19.69 82.79
N GLU B 84 49.22 -19.51 83.52
CA GLU B 84 48.07 -18.82 82.97
C GLU B 84 48.27 -17.34 82.70
N MET B 85 48.97 -16.66 83.60
CA MET B 85 49.19 -15.24 83.41
C MET B 85 50.15 -15.06 82.28
N ASN B 86 51.04 -16.02 82.09
CA ASN B 86 51.99 -15.92 81.00
C ASN B 86 51.29 -16.08 79.65
N LYS B 87 50.25 -16.92 79.58
CA LYS B 87 49.52 -17.06 78.32
C LYS B 87 48.80 -15.74 78.00
N LEU B 88 48.29 -15.07 79.02
CA LEU B 88 47.61 -13.80 78.78
C LEU B 88 48.63 -12.79 78.26
N PHE B 89 49.77 -12.73 78.91
CA PHE B 89 50.81 -11.83 78.46
C PHE B 89 51.20 -12.15 77.02
N GLU B 90 51.39 -13.43 76.70
CA GLU B 90 51.78 -13.78 75.33
C GLU B 90 50.72 -13.34 74.33
N LYS B 91 49.44 -13.42 74.70
CA LYS B 91 48.40 -13.00 73.77
C LYS B 91 48.51 -11.51 73.46
N THR B 92 48.84 -10.69 74.44
CA THR B 92 48.96 -9.26 74.16
C THR B 92 50.27 -8.93 73.41
N ARG B 93 51.39 -9.52 73.83
CA ARG B 93 52.69 -9.24 73.21
C ARG B 93 52.68 -9.64 71.75
N ARG B 94 51.99 -10.74 71.50
CA ARG B 94 51.78 -11.35 70.20
C ARG B 94 51.31 -10.32 69.18
N GLN B 95 50.29 -9.58 69.58
CA GLN B 95 49.66 -8.54 68.76
C GLN B 95 50.57 -7.34 68.52
N LEU B 96 51.25 -6.90 69.57
CA LEU B 96 52.15 -5.75 69.45
C LEU B 96 53.27 -6.08 68.46
N ARG B 97 53.86 -7.26 68.63
CA ARG B 97 54.94 -7.74 67.77
C ARG B 97 54.55 -7.77 66.30
N GLU B 98 53.33 -8.19 66.01
CA GLU B 98 52.90 -8.25 64.61
C GLU B 98 52.42 -6.94 64.04
N ASN B 99 51.78 -6.14 64.88
CA ASN B 99 51.19 -4.90 64.42
C ASN B 99 51.81 -3.58 64.83
N ALA B 100 52.94 -3.63 65.52
CA ALA B 100 53.58 -2.41 65.96
C ALA B 100 55.09 -2.49 65.81
N GLU B 101 55.72 -1.32 65.79
CA GLU B 101 57.18 -1.19 65.66
C GLU B 101 57.87 -1.34 67.01
N GLU B 102 58.78 -2.31 67.07
CA GLU B 102 59.55 -2.59 68.27
C GLU B 102 60.59 -1.50 68.47
N MET B 103 60.35 -0.66 69.48
CA MET B 103 61.22 0.46 69.82
C MET B 103 62.34 0.06 70.77
N GLY B 104 62.44 -1.23 71.05
CA GLY B 104 63.46 -1.71 71.95
C GLY B 104 62.94 -2.02 73.34
N ASN B 105 63.53 -3.04 73.96
CA ASN B 105 63.15 -3.46 75.31
C ASN B 105 61.64 -3.51 75.55
N GLY B 106 60.96 -4.27 74.70
CA GLY B 106 59.52 -4.42 74.83
C GLY B 106 58.70 -3.16 74.67
N SER B 107 59.31 -2.10 74.15
CA SER B 107 58.57 -0.86 73.95
C SER B 107 58.04 -0.86 72.51
N PHE B 108 56.81 -0.40 72.31
CA PHE B 108 56.23 -0.40 70.99
C PHE B 108 55.61 0.93 70.60
N LYS B 109 55.66 1.21 69.30
CA LYS B 109 55.08 2.41 68.70
C LYS B 109 53.97 1.89 67.79
N ILE B 110 52.75 2.29 68.07
CA ILE B 110 51.59 1.87 67.30
C ILE B 110 51.36 2.80 66.12
N TYR B 111 51.25 2.23 64.92
CA TYR B 111 50.98 3.06 63.76
C TYR B 111 49.63 2.71 63.17
N HIS B 112 48.76 3.71 63.04
CA HIS B 112 47.42 3.51 62.50
C HIS B 112 47.38 3.49 60.97
N LYS B 113 46.56 2.60 60.42
CA LYS B 113 46.43 2.49 58.97
C LYS B 113 45.33 3.39 58.39
N CYS B 114 44.42 3.84 59.27
CA CYS B 114 43.31 4.69 58.86
C CYS B 114 43.39 6.10 59.39
N ASP B 115 43.92 6.99 58.56
CA ASP B 115 44.09 8.40 58.92
C ASP B 115 42.76 9.13 58.92
N ASN B 116 42.82 10.41 59.29
CA ASN B 116 41.62 11.23 59.27
C ASN B 116 41.26 11.21 57.78
N ALA B 117 39.98 11.28 57.46
CA ALA B 117 39.53 11.22 56.06
C ALA B 117 39.06 9.79 55.89
N CYS B 118 39.95 8.84 56.18
CA CYS B 118 39.62 7.42 56.08
C CYS B 118 38.48 7.24 57.09
N ILE B 119 38.65 7.88 58.25
CA ILE B 119 37.68 7.83 59.34
C ILE B 119 36.44 8.63 58.94
N GLU B 120 36.66 9.80 58.34
CA GLU B 120 35.57 10.67 57.89
C GLU B 120 34.74 9.95 56.83
N SER B 121 35.45 9.37 55.86
CA SER B 121 34.84 8.64 54.77
C SER B 121 33.91 7.55 55.31
N ILE B 122 34.42 6.83 56.31
CA ILE B 122 33.68 5.77 56.97
C ILE B 122 32.41 6.27 57.65
N ARG B 123 32.51 7.37 58.41
CA ARG B 123 31.34 7.90 59.08
C ARG B 123 30.51 8.78 58.14
N ASN B 124 31.19 9.47 57.23
CA ASN B 124 30.55 10.37 56.28
C ASN B 124 29.66 9.71 55.23
N GLY B 125 30.05 8.51 54.81
CA GLY B 125 29.29 7.80 53.81
C GLY B 125 29.33 8.55 52.50
N THR B 126 28.24 8.45 51.74
CA THR B 126 28.12 9.11 50.45
C THR B 126 28.87 8.46 49.32
N TYR B 127 28.08 8.09 48.33
CA TYR B 127 28.53 7.45 47.11
C TYR B 127 27.88 8.18 45.95
N ASP B 128 28.64 8.40 44.89
CA ASP B 128 28.12 9.08 43.72
C ASP B 128 27.29 8.02 43.00
N HIS B 129 26.05 7.90 43.49
CA HIS B 129 25.06 6.94 43.00
C HIS B 129 24.21 7.50 41.89
N ASP B 130 24.60 7.16 40.66
CA ASP B 130 23.89 7.60 39.45
C ASP B 130 22.67 6.75 39.18
N VAL B 131 21.57 7.42 38.83
CA VAL B 131 20.31 6.78 38.48
C VAL B 131 20.11 7.08 36.99
N TYR B 132 20.20 6.03 36.19
CA TYR B 132 20.04 6.11 34.74
C TYR B 132 18.72 6.70 34.29
N ARG B 133 18.78 7.58 33.29
CA ARG B 133 17.57 8.18 32.74
C ARG B 133 17.16 7.27 31.57
N ASP B 134 16.06 6.56 31.75
CA ASP B 134 15.56 5.65 30.74
C ASP B 134 15.45 6.24 29.35
N GLU B 135 15.97 5.52 28.36
CA GLU B 135 15.90 5.96 26.98
C GLU B 135 14.55 5.49 26.44
N ALA B 136 13.89 6.35 25.67
CA ALA B 136 12.60 6.01 25.11
C ALA B 136 12.77 5.06 23.92
N LEU B 137 11.83 4.13 23.76
CA LEU B 137 11.89 3.22 22.63
C LEU B 137 11.71 4.07 21.36
N ASN B 138 12.27 3.61 20.25
CA ASN B 138 12.18 4.32 18.98
C ASN B 138 10.91 3.89 18.25
N ASN B 139 10.12 4.86 17.80
CA ASN B 139 8.89 4.54 17.06
C ASN B 139 9.16 4.09 15.63
N ARG B 140 8.21 3.36 15.06
CA ARG B 140 8.30 2.85 13.69
C ARG B 140 8.19 3.96 12.67
N PHE B 141 9.24 4.10 11.85
CA PHE B 141 9.29 5.11 10.81
C PHE B 141 8.84 4.46 9.50
N GLN B 142 7.75 4.96 8.93
CA GLN B 142 7.24 4.40 7.68
C GLN B 142 7.76 5.16 6.47
N ILE B 143 8.75 4.58 5.80
CA ILE B 143 9.34 5.19 4.61
C ILE B 143 8.23 5.37 3.57
N LYS B 144 8.10 6.58 3.06
CA LYS B 144 7.08 6.93 2.07
C LYS B 144 6.63 5.81 1.14
N GLY B 145 5.43 5.33 1.41
CA GLY B 145 4.81 4.26 0.64
C GLY B 145 3.90 3.42 1.53
N VAL B 146 3.60 2.20 1.09
CA VAL B 146 2.75 1.26 1.82
C VAL B 146 1.46 1.87 2.39
N ALA C 6 16.56 0.82 -4.64
CA ALA C 6 16.14 -0.02 -3.48
C ALA C 6 14.62 -0.16 -3.39
N ASP C 7 14.15 -1.41 -3.30
CA ASP C 7 12.72 -1.68 -3.20
C ASP C 7 12.20 -1.16 -1.87
N LEU C 8 11.06 -0.48 -1.91
CA LEU C 8 10.48 0.06 -0.69
C LEU C 8 10.15 -1.04 0.32
N LYS C 9 9.46 -2.08 -0.13
CA LYS C 9 9.08 -3.18 0.76
C LYS C 9 10.29 -3.75 1.53
N SER C 10 11.32 -4.14 0.80
CA SER C 10 12.53 -4.71 1.39
C SER C 10 13.31 -3.69 2.22
N THR C 11 13.27 -2.43 1.82
CA THR C 11 14.00 -1.39 2.55
C THR C 11 13.40 -1.14 3.91
N GLN C 12 12.07 -1.10 4.01
CA GLN C 12 11.43 -0.85 5.30
C GLN C 12 11.39 -2.08 6.18
N ALA C 13 11.90 -3.18 5.65
CA ALA C 13 11.97 -4.43 6.38
C ALA C 13 13.31 -4.38 7.11
N ALA C 14 14.35 -4.01 6.37
CA ALA C 14 15.69 -3.90 6.92
C ALA C 14 15.78 -2.72 7.89
N ILE C 15 14.70 -1.95 7.95
CA ILE C 15 14.62 -0.79 8.83
C ILE C 15 13.84 -1.19 10.07
N ASP C 16 12.81 -2.02 9.88
CA ASP C 16 12.01 -2.47 11.00
C ASP C 16 12.78 -3.53 11.80
N GLN C 17 13.61 -4.30 11.10
CA GLN C 17 14.42 -5.32 11.75
C GLN C 17 15.40 -4.63 12.67
N ILE C 18 16.20 -3.72 12.10
CA ILE C 18 17.19 -2.96 12.86
C ILE C 18 16.55 -2.26 14.05
N ASN C 19 15.42 -1.61 13.80
CA ASN C 19 14.74 -0.89 14.87
C ASN C 19 14.27 -1.79 16.00
N GLY C 20 13.84 -3.00 15.66
CA GLY C 20 13.36 -3.94 16.67
C GLY C 20 14.51 -4.41 17.54
N LYS C 21 15.67 -4.60 16.91
CA LYS C 21 16.85 -5.03 17.63
C LYS C 21 17.26 -3.90 18.55
N LEU C 22 17.25 -2.68 18.01
CA LEU C 22 17.61 -1.49 18.78
C LEU C 22 16.69 -1.35 19.99
N ASN C 23 15.40 -1.55 19.78
CA ASN C 23 14.47 -1.41 20.89
C ASN C 23 14.64 -2.46 21.97
N ARG C 24 15.18 -3.64 21.62
CA ARG C 24 15.40 -4.66 22.63
C ARG C 24 16.62 -4.22 23.45
N VAL C 25 17.66 -3.78 22.76
CA VAL C 25 18.88 -3.31 23.42
C VAL C 25 18.57 -2.13 24.36
N ILE C 26 17.63 -1.28 23.95
CA ILE C 26 17.22 -0.13 24.76
C ILE C 26 16.47 -0.61 26.00
N GLU C 27 15.50 -1.47 25.79
CA GLU C 27 14.70 -1.99 26.90
C GLU C 27 15.53 -2.77 27.91
N LYS C 28 16.46 -3.60 27.41
CA LYS C 28 17.29 -4.41 28.30
C LYS C 28 18.29 -3.58 29.08
N THR C 29 18.91 -2.61 28.42
CA THR C 29 19.86 -1.78 29.14
C THR C 29 19.13 -0.91 30.16
N ASN C 30 17.95 -0.38 29.83
CA ASN C 30 17.23 0.42 30.83
C ASN C 30 17.03 -0.45 32.08
N GLU C 31 16.67 -1.70 31.84
CA GLU C 31 16.38 -2.68 32.89
C GLU C 31 17.58 -3.05 33.73
N LYS C 32 18.65 -3.41 33.04
CA LYS C 32 19.89 -3.81 33.67
C LYS C 32 20.48 -2.69 34.52
N PHE C 33 20.38 -1.46 34.02
CA PHE C 33 20.94 -0.38 34.78
C PHE C 33 20.23 -0.20 36.11
N HIS C 34 18.92 -0.40 36.14
CA HIS C 34 18.22 -0.25 37.39
C HIS C 34 18.55 -1.39 38.36
N GLN C 35 18.92 -2.54 37.81
CA GLN C 35 19.28 -3.68 38.64
C GLN C 35 20.63 -3.36 39.26
N ILE C 36 21.55 -2.91 38.40
CA ILE C 36 22.88 -2.54 38.83
C ILE C 36 22.81 -1.48 39.92
N GLU C 37 21.89 -0.53 39.77
CA GLU C 37 21.72 0.52 40.76
C GLU C 37 21.21 -0.05 42.08
N LYS C 38 20.28 -0.99 41.97
CA LYS C 38 19.72 -1.64 43.14
C LYS C 38 20.85 -2.40 43.85
N GLU C 39 21.64 -3.17 43.10
CA GLU C 39 22.73 -3.93 43.72
C GLU C 39 23.69 -3.00 44.46
N PHE C 40 24.05 -1.88 43.85
CA PHE C 40 24.94 -0.92 44.50
C PHE C 40 24.34 -0.45 45.82
N SER C 41 23.06 -0.10 45.82
CA SER C 41 22.44 0.38 47.05
C SER C 41 22.50 -0.69 48.14
N GLU C 42 22.46 -1.96 47.74
CA GLU C 42 22.49 -3.04 48.72
C GLU C 42 23.89 -3.20 49.31
N VAL C 43 24.87 -3.21 48.44
CA VAL C 43 26.26 -3.31 48.85
C VAL C 43 26.62 -2.13 49.75
N GLU C 44 26.22 -0.94 49.32
CA GLU C 44 26.48 0.28 50.08
C GLU C 44 25.74 0.22 51.42
N GLY C 45 24.52 -0.30 51.41
CA GLY C 45 23.77 -0.41 52.64
C GLY C 45 24.44 -1.37 53.60
N ARG C 46 24.99 -2.47 53.09
CA ARG C 46 25.65 -3.46 53.93
C ARG C 46 26.89 -2.88 54.59
N ILE C 47 27.65 -2.12 53.81
CA ILE C 47 28.87 -1.50 54.30
C ILE C 47 28.57 -0.51 55.43
N GLN C 48 27.52 0.29 55.28
CA GLN C 48 27.14 1.24 56.32
C GLN C 48 26.68 0.49 57.57
N ASP C 49 26.00 -0.64 57.38
CA ASP C 49 25.55 -1.42 58.53
C ASP C 49 26.77 -2.01 59.24
N LEU C 50 27.71 -2.53 58.45
CA LEU C 50 28.93 -3.11 59.02
C LEU C 50 29.74 -2.06 59.77
N GLU C 51 29.79 -0.83 59.26
CA GLU C 51 30.54 0.23 59.91
C GLU C 51 29.89 0.49 61.28
N LYS C 52 28.57 0.48 61.32
CA LYS C 52 27.85 0.70 62.57
C LYS C 52 28.15 -0.41 63.56
N TYR C 53 28.16 -1.64 63.08
CA TYR C 53 28.45 -2.80 63.92
C TYR C 53 29.86 -2.75 64.52
N VAL C 54 30.83 -2.31 63.72
CA VAL C 54 32.20 -2.20 64.20
C VAL C 54 32.30 -1.14 65.30
N GLU C 55 31.61 -0.02 65.11
CA GLU C 55 31.63 1.03 66.13
C GLU C 55 31.00 0.50 67.42
N ASP C 56 29.86 -0.17 67.29
CA ASP C 56 29.19 -0.74 68.45
C ASP C 56 30.12 -1.71 69.17
N THR C 57 30.79 -2.56 68.39
CA THR C 57 31.70 -3.57 68.94
C THR C 57 32.83 -2.91 69.70
N LYS C 58 33.40 -1.87 69.12
CA LYS C 58 34.48 -1.12 69.73
C LYS C 58 34.05 -0.49 71.04
N ILE C 59 32.91 0.19 71.01
CA ILE C 59 32.47 0.86 72.22
C ILE C 59 32.18 -0.08 73.37
N ASP C 60 31.55 -1.22 73.08
CA ASP C 60 31.25 -2.19 74.12
C ASP C 60 32.51 -2.77 74.75
N LEU C 61 33.56 -2.97 73.95
CA LEU C 61 34.82 -3.48 74.49
C LEU C 61 35.44 -2.39 75.37
N TRP C 62 35.37 -1.13 74.96
CA TRP C 62 35.93 -0.10 75.80
C TRP C 62 35.12 0.10 77.06
N SER C 63 33.80 0.02 76.96
CA SER C 63 32.97 0.17 78.13
C SER C 63 33.35 -0.91 79.14
N TYR C 64 33.57 -2.12 78.63
CA TYR C 64 33.95 -3.24 79.49
C TYR C 64 35.26 -2.93 80.23
N ASN C 65 36.23 -2.35 79.53
CA ASN C 65 37.51 -2.04 80.16
C ASN C 65 37.28 -1.07 81.32
N ALA C 66 36.41 -0.09 81.10
CA ALA C 66 36.14 0.88 82.16
C ALA C 66 35.48 0.17 83.34
N GLU C 67 34.53 -0.70 83.07
CA GLU C 67 33.81 -1.41 84.12
C GLU C 67 34.69 -2.34 84.96
N LEU C 68 35.70 -2.96 84.34
CA LEU C 68 36.59 -3.85 85.09
C LEU C 68 37.46 -3.04 86.05
N LEU C 69 37.96 -1.88 85.61
CA LEU C 69 38.78 -1.05 86.50
C LEU C 69 37.92 -0.65 87.71
N VAL C 70 36.67 -0.30 87.46
CA VAL C 70 35.79 0.10 88.56
C VAL C 70 35.51 -1.06 89.52
N ALA C 71 35.19 -2.24 89.00
CA ALA C 71 34.94 -3.39 89.86
C ALA C 71 36.20 -3.68 90.69
N LEU C 72 37.38 -3.66 90.08
CA LEU C 72 38.60 -3.91 90.85
C LEU C 72 38.85 -2.83 91.90
N GLU C 73 38.53 -1.59 91.57
CA GLU C 73 38.73 -0.53 92.56
C GLU C 73 37.73 -0.69 93.70
N ASN C 74 36.49 -1.01 93.38
CA ASN C 74 35.50 -1.14 94.43
C ASN C 74 35.81 -2.18 95.50
N GLN C 75 36.54 -3.21 95.08
CA GLN C 75 36.92 -4.31 95.95
C GLN C 75 38.31 -4.04 96.54
N HIS C 76 38.87 -2.89 96.20
CA HIS C 76 40.20 -2.44 96.67
C HIS C 76 41.41 -3.22 96.19
N THR C 77 41.26 -3.91 95.07
CA THR C 77 42.36 -4.67 94.49
C THR C 77 43.32 -3.69 93.85
N ILE C 78 42.78 -2.63 93.25
CA ILE C 78 43.61 -1.60 92.66
C ILE C 78 43.15 -0.23 93.17
N ASP C 79 43.98 0.78 93.00
CA ASP C 79 43.61 2.13 93.42
C ASP C 79 43.79 2.98 92.17
N LEU C 80 42.68 3.48 91.65
CA LEU C 80 42.74 4.29 90.44
C LEU C 80 43.49 5.61 90.59
N THR C 81 43.86 5.98 91.82
CA THR C 81 44.61 7.22 91.98
C THR C 81 46.08 6.94 91.72
N ASP C 82 46.50 5.67 91.76
CA ASP C 82 47.90 5.39 91.46
C ASP C 82 48.09 5.85 90.02
N SER C 83 49.25 6.44 89.75
CA SER C 83 49.53 6.98 88.42
C SER C 83 49.29 6.07 87.23
N GLU C 84 49.83 4.87 87.29
CA GLU C 84 49.70 3.94 86.19
C GLU C 84 48.27 3.48 85.97
N MET C 85 47.49 3.38 87.05
CA MET C 85 46.09 2.97 86.97
C MET C 85 45.22 4.11 86.44
N ASN C 86 45.54 5.34 86.84
CA ASN C 86 44.77 6.49 86.38
C ASN C 86 44.91 6.64 84.86
N LYS C 87 46.12 6.38 84.37
CA LYS C 87 46.44 6.48 82.95
C LYS C 87 45.61 5.49 82.11
N LEU C 88 45.39 4.30 82.66
CA LEU C 88 44.58 3.30 81.97
C LEU C 88 43.13 3.76 82.00
N PHE C 89 42.72 4.32 83.14
CA PHE C 89 41.34 4.78 83.27
C PHE C 89 41.05 5.89 82.29
N GLU C 90 41.97 6.84 82.18
CA GLU C 90 41.80 7.93 81.26
C GLU C 90 41.75 7.41 79.84
N LYS C 91 42.47 6.33 79.57
CA LYS C 91 42.44 5.81 78.21
C LYS C 91 41.04 5.35 77.90
N THR C 92 40.40 4.69 78.85
CA THR C 92 39.06 4.22 78.59
C THR C 92 38.10 5.42 78.49
N ARG C 93 38.25 6.40 79.36
CA ARG C 93 37.35 7.55 79.33
C ARG C 93 37.48 8.31 78.01
N ARG C 94 38.71 8.47 77.54
CA ARG C 94 38.88 9.18 76.28
C ARG C 94 38.11 8.48 75.15
N GLN C 95 38.17 7.15 75.11
CA GLN C 95 37.47 6.41 74.06
C GLN C 95 35.96 6.47 74.27
N LEU C 96 35.52 6.52 75.51
CA LEU C 96 34.09 6.58 75.75
C LEU C 96 33.55 8.00 75.52
N ARG C 97 34.35 9.01 75.85
CA ARG C 97 33.95 10.39 75.64
C ARG C 97 33.58 10.56 74.16
N GLU C 98 34.36 9.90 73.32
CA GLU C 98 34.18 9.93 71.88
C GLU C 98 32.75 9.54 71.52
N ASN C 99 32.20 8.58 72.26
CA ASN C 99 30.83 8.11 72.07
C ASN C 99 30.05 8.53 73.33
N ALA C 100 29.16 7.65 73.77
CA ALA C 100 28.34 7.88 74.96
C ALA C 100 28.12 9.36 75.24
N GLU C 101 28.21 9.69 76.52
CA GLU C 101 28.07 11.04 77.04
C GLU C 101 28.80 11.08 78.39
N GLU C 102 28.25 11.67 79.42
CA GLU C 102 28.97 11.71 80.69
C GLU C 102 28.01 12.04 81.82
N MET C 103 26.78 12.19 81.40
CA MET C 103 25.62 12.45 82.26
C MET C 103 26.02 13.00 83.63
N GLY C 104 27.06 13.79 83.64
CA GLY C 104 27.54 14.48 84.86
C GLY C 104 28.34 13.55 85.81
N ASN C 105 27.65 12.55 86.35
CA ASN C 105 28.25 11.61 87.32
C ASN C 105 29.35 10.74 86.68
N GLY C 106 29.80 11.17 85.51
CA GLY C 106 30.89 10.50 84.78
C GLY C 106 30.40 9.24 84.05
N SER C 107 29.46 8.56 84.67
CA SER C 107 28.89 7.32 84.10
C SER C 107 28.64 7.52 82.60
N PHE C 108 28.96 6.50 81.85
CA PHE C 108 28.80 6.52 80.38
C PHE C 108 27.73 5.55 79.93
N LYS C 109 26.68 6.14 79.48
CA LYS C 109 25.52 5.47 78.91
C LYS C 109 25.82 5.21 77.43
N ILE C 110 25.73 3.94 77.04
CA ILE C 110 26.02 3.51 75.68
C ILE C 110 24.79 3.32 74.80
N TYR C 111 24.90 3.77 73.56
CA TYR C 111 23.83 3.64 72.57
C TYR C 111 24.34 2.93 71.31
N HIS C 112 23.70 1.82 70.95
CA HIS C 112 24.10 1.10 69.74
C HIS C 112 23.61 1.80 68.47
N LYS C 113 24.38 1.69 67.40
CA LYS C 113 24.04 2.33 66.14
C LYS C 113 23.48 1.33 65.15
N CYS C 114 23.78 0.06 65.42
CA CYS C 114 23.37 -1.04 64.58
C CYS C 114 22.28 -1.80 65.32
N ASP C 115 21.02 -1.62 64.91
CA ASP C 115 19.91 -2.31 65.57
C ASP C 115 19.86 -3.77 65.18
N ASN C 116 18.85 -4.48 65.64
CA ASN C 116 18.74 -5.89 65.33
C ASN C 116 18.57 -6.20 63.86
N ALA C 117 17.96 -5.29 63.09
CA ALA C 117 17.78 -5.49 61.66
C ALA C 117 19.16 -5.38 61.01
N CYS C 118 19.92 -4.39 61.47
CA CYS C 118 21.27 -4.17 60.98
C CYS C 118 22.11 -5.43 61.29
N ILE C 119 22.05 -5.93 62.53
CA ILE C 119 22.81 -7.12 62.93
C ILE C 119 22.46 -8.32 62.02
N GLU C 120 21.16 -8.53 61.82
CA GLU C 120 20.66 -9.61 60.98
C GLU C 120 21.12 -9.47 59.54
N SER C 121 21.09 -8.23 59.04
CA SER C 121 21.52 -7.98 57.68
C SER C 121 22.99 -8.38 57.53
N ILE C 122 23.81 -8.02 58.52
CA ILE C 122 25.22 -8.37 58.48
C ILE C 122 25.43 -9.87 58.57
N ARG C 123 24.68 -10.51 59.47
CA ARG C 123 24.79 -11.95 59.68
C ARG C 123 24.29 -12.82 58.51
N ASN C 124 23.07 -12.57 58.06
CA ASN C 124 22.53 -13.41 56.99
C ASN C 124 22.06 -12.70 55.74
N GLY C 125 22.10 -11.38 55.73
CA GLY C 125 21.66 -10.66 54.55
C GLY C 125 22.31 -11.19 53.29
N THR C 126 21.61 -11.08 52.18
CA THR C 126 22.13 -11.53 50.91
C THR C 126 22.02 -10.37 49.93
N TYR C 127 22.29 -10.63 48.65
CA TYR C 127 22.22 -9.57 47.62
C TYR C 127 21.48 -10.00 46.35
N ASP C 128 20.74 -9.06 45.77
CA ASP C 128 20.02 -9.29 44.52
C ASP C 128 21.12 -9.15 43.47
N HIS C 129 21.44 -10.26 42.80
CA HIS C 129 22.50 -10.27 41.80
C HIS C 129 21.96 -10.69 40.44
N ASP C 130 21.57 -9.70 39.62
CA ASP C 130 21.03 -9.97 38.30
C ASP C 130 22.11 -10.41 37.32
N VAL C 131 21.77 -11.36 36.46
CA VAL C 131 22.70 -11.84 35.44
C VAL C 131 22.05 -11.52 34.09
N TYR C 132 22.74 -10.70 33.30
CA TYR C 132 22.25 -10.26 32.00
C TYR C 132 22.14 -11.37 30.96
N ARG C 133 20.96 -11.48 30.35
CA ARG C 133 20.71 -12.47 29.30
C ARG C 133 21.24 -11.87 28.00
N ASP C 134 22.44 -12.30 27.59
CA ASP C 134 23.06 -11.81 26.36
C ASP C 134 22.10 -11.62 25.20
N GLU C 135 22.34 -10.57 24.42
CA GLU C 135 21.51 -10.24 23.26
C GLU C 135 22.13 -10.80 21.99
N ALA C 136 21.32 -11.46 21.17
CA ALA C 136 21.80 -12.02 19.93
C ALA C 136 22.10 -10.89 18.95
N LEU C 137 23.24 -10.98 18.27
CA LEU C 137 23.60 -9.96 17.28
C LEU C 137 22.54 -9.93 16.21
N ASN C 138 22.47 -8.84 15.46
CA ASN C 138 21.47 -8.72 14.42
C ASN C 138 21.99 -9.22 13.07
N ASN C 139 21.21 -10.09 12.43
CA ASN C 139 21.61 -10.64 11.14
C ASN C 139 21.74 -9.57 10.05
N ARG C 140 22.72 -9.76 9.16
CA ARG C 140 22.92 -8.81 8.07
C ARG C 140 21.76 -8.92 7.09
N PHE C 141 21.38 -7.79 6.52
CA PHE C 141 20.28 -7.78 5.58
C PHE C 141 20.75 -7.53 4.15
N GLN C 142 19.89 -7.98 3.26
CA GLN C 142 20.00 -7.94 1.80
C GLN C 142 19.53 -6.66 1.18
N ILE C 143 18.22 -6.50 1.27
CA ILE C 143 17.50 -5.37 0.70
C ILE C 143 17.39 -5.68 -0.79
N LYS C 144 16.16 -5.86 -1.27
CA LYS C 144 15.90 -6.13 -2.67
C LYS C 144 15.96 -4.83 -3.47
N GLY C 145 16.47 -4.93 -4.68
CA GLY C 145 16.57 -3.78 -5.57
C GLY C 145 15.70 -3.97 -6.79
N VAL C 146 15.13 -2.86 -7.27
CA VAL C 146 14.27 -2.87 -8.43
C VAL C 146 14.88 -2.01 -9.53
N GLU C 147 14.52 -2.34 -10.76
CA GLU C 147 14.99 -1.66 -11.95
C GLU C 147 14.36 -0.31 -12.20
N LEU C 148 15.18 0.67 -12.55
CA LEU C 148 14.67 1.98 -12.91
C LEU C 148 14.02 1.64 -14.26
N LYS C 149 12.93 2.30 -14.62
CA LYS C 149 12.27 1.97 -15.89
C LYS C 149 12.95 2.58 -17.10
N SER C 150 14.02 3.33 -16.86
CA SER C 150 14.75 3.97 -17.95
C SER C 150 15.94 3.09 -18.38
N GLY C 151 16.32 3.20 -19.65
CA GLY C 151 17.46 2.42 -20.14
C GLY C 151 17.12 1.04 -20.65
N TYR C 152 18.03 0.47 -21.44
CA TYR C 152 17.85 -0.85 -22.03
C TYR C 152 17.68 -1.99 -21.01
N LYS C 153 16.67 -2.83 -21.21
CA LYS C 153 16.42 -3.99 -20.34
C LYS C 153 16.65 -5.19 -21.28
N ASP C 154 17.74 -5.91 -21.04
CA ASP C 154 18.12 -7.05 -21.87
C ASP C 154 17.17 -8.26 -21.84
N TRP C 155 17.17 -9.03 -22.93
CA TRP C 155 16.34 -10.23 -23.04
C TRP C 155 17.27 -11.40 -22.75
N GLY D 3 -47.41 22.06 -98.48
CA GLY D 3 -48.45 21.40 -99.33
C GLY D 3 -48.05 20.00 -99.75
N GLN D 4 -46.75 19.75 -99.64
CA GLN D 4 -46.16 18.47 -99.99
C GLN D 4 -46.66 17.38 -99.07
N ALA D 5 -46.51 16.14 -99.53
CA ALA D 5 -46.88 14.98 -98.75
C ALA D 5 -45.56 14.50 -98.14
N ALA D 6 -45.65 13.73 -97.07
CA ALA D 6 -44.46 13.21 -96.43
C ALA D 6 -43.92 12.04 -97.26
N ASP D 7 -42.64 12.08 -97.59
CA ASP D 7 -42.01 11.01 -98.36
C ASP D 7 -42.05 9.73 -97.51
N LEU D 8 -42.52 8.61 -98.09
CA LEU D 8 -42.60 7.35 -97.31
C LEU D 8 -41.28 6.96 -96.69
N LYS D 9 -40.24 6.87 -97.52
CA LYS D 9 -38.95 6.45 -97.02
C LYS D 9 -38.35 7.38 -95.96
N SER D 10 -38.52 8.68 -96.12
CA SER D 10 -38.00 9.61 -95.13
C SER D 10 -38.78 9.51 -93.83
N THR D 11 -40.10 9.31 -93.92
CA THR D 11 -40.95 9.16 -92.74
C THR D 11 -40.58 7.87 -92.00
N GLN D 12 -40.39 6.78 -92.73
CA GLN D 12 -40.02 5.51 -92.11
C GLN D 12 -38.70 5.71 -91.38
N ALA D 13 -37.81 6.52 -91.97
CA ALA D 13 -36.51 6.80 -91.37
C ALA D 13 -36.70 7.57 -90.05
N ALA D 14 -37.51 8.61 -90.07
CA ALA D 14 -37.79 9.40 -88.87
C ALA D 14 -38.32 8.46 -87.77
N ILE D 15 -39.31 7.63 -88.11
CA ILE D 15 -39.88 6.69 -87.16
C ILE D 15 -38.80 5.73 -86.64
N ASP D 16 -38.05 5.10 -87.54
CA ASP D 16 -37.03 4.17 -87.07
C ASP D 16 -36.03 4.86 -86.16
N GLN D 17 -35.65 6.09 -86.47
CA GLN D 17 -34.69 6.78 -85.63
C GLN D 17 -35.22 6.98 -84.20
N ILE D 18 -36.43 7.51 -84.06
CA ILE D 18 -36.98 7.70 -82.71
C ILE D 18 -37.17 6.36 -82.01
N ASN D 19 -37.69 5.36 -82.73
CA ASN D 19 -37.90 4.03 -82.14
C ASN D 19 -36.58 3.50 -81.57
N GLY D 20 -35.50 3.75 -82.30
CA GLY D 20 -34.19 3.30 -81.86
C GLY D 20 -33.77 4.01 -80.58
N LYS D 21 -34.09 5.30 -80.48
CA LYS D 21 -33.73 6.04 -79.27
C LYS D 21 -34.60 5.52 -78.14
N LEU D 22 -35.90 5.38 -78.42
CA LEU D 22 -36.82 4.86 -77.42
C LEU D 22 -36.33 3.50 -76.87
N ASN D 23 -35.87 2.64 -77.77
CA ASN D 23 -35.41 1.33 -77.32
C ASN D 23 -34.15 1.38 -76.49
N ARG D 24 -33.27 2.33 -76.79
CA ARG D 24 -32.07 2.48 -76.01
C ARG D 24 -32.51 2.90 -74.59
N VAL D 25 -33.46 3.83 -74.53
CA VAL D 25 -33.93 4.31 -73.23
C VAL D 25 -34.58 3.17 -72.43
N ILE D 26 -35.37 2.34 -73.12
CA ILE D 26 -36.02 1.21 -72.49
C ILE D 26 -34.97 0.24 -71.93
N GLU D 27 -33.97 -0.08 -72.75
CA GLU D 27 -32.92 -0.98 -72.32
C GLU D 27 -32.14 -0.41 -71.15
N LYS D 28 -31.82 0.87 -71.22
CA LYS D 28 -31.05 1.51 -70.16
C LYS D 28 -31.78 1.58 -68.83
N THR D 29 -33.06 1.94 -68.85
CA THR D 29 -33.83 2.00 -67.60
C THR D 29 -34.12 0.60 -67.06
N ASN D 30 -34.41 -0.35 -67.95
CA ASN D 30 -34.64 -1.73 -67.51
C ASN D 30 -33.43 -2.12 -66.67
N GLU D 31 -32.24 -1.88 -67.22
CA GLU D 31 -30.99 -2.23 -66.56
C GLU D 31 -30.68 -1.44 -65.30
N LYS D 32 -30.86 -0.12 -65.37
CA LYS D 32 -30.57 0.73 -64.23
C LYS D 32 -31.45 0.31 -63.05
N PHE D 33 -32.71 0.01 -63.34
CA PHE D 33 -33.61 -0.38 -62.26
C PHE D 33 -33.19 -1.65 -61.54
N HIS D 34 -32.53 -2.57 -62.24
CA HIS D 34 -32.09 -3.80 -61.59
C HIS D 34 -30.85 -3.55 -60.75
N GLN D 35 -29.99 -2.62 -61.16
CA GLN D 35 -28.80 -2.31 -60.36
C GLN D 35 -29.27 -1.58 -59.08
N ILE D 36 -30.25 -0.69 -59.22
CA ILE D 36 -30.77 0.02 -58.05
C ILE D 36 -31.32 -1.00 -57.04
N GLU D 37 -32.08 -1.97 -57.52
CA GLU D 37 -32.66 -3.00 -56.66
C GLU D 37 -31.53 -3.79 -55.98
N LYS D 38 -30.48 -4.06 -56.73
CA LYS D 38 -29.34 -4.78 -56.19
C LYS D 38 -28.68 -3.96 -55.10
N GLU D 39 -28.48 -2.67 -55.34
CA GLU D 39 -27.82 -1.85 -54.34
C GLU D 39 -28.69 -1.72 -53.09
N PHE D 40 -30.01 -1.67 -53.26
CA PHE D 40 -30.93 -1.61 -52.12
C PHE D 40 -30.77 -2.88 -51.27
N SER D 41 -30.72 -4.05 -51.91
CA SER D 41 -30.57 -5.31 -51.18
C SER D 41 -29.26 -5.33 -50.39
N GLU D 42 -28.21 -4.79 -51.00
CA GLU D 42 -26.92 -4.73 -50.34
C GLU D 42 -26.97 -3.79 -49.14
N VAL D 43 -27.66 -2.67 -49.29
CA VAL D 43 -27.76 -1.72 -48.19
C VAL D 43 -28.55 -2.36 -47.08
N GLU D 44 -29.63 -3.03 -47.44
CA GLU D 44 -30.47 -3.67 -46.47
C GLU D 44 -29.72 -4.78 -45.76
N GLY D 45 -28.92 -5.55 -46.50
CA GLY D 45 -28.15 -6.59 -45.86
C GLY D 45 -27.12 -6.02 -44.90
N ARG D 46 -26.60 -4.83 -45.21
CA ARG D 46 -25.61 -4.19 -44.35
C ARG D 46 -26.27 -3.79 -43.03
N ILE D 47 -27.46 -3.22 -43.14
CA ILE D 47 -28.22 -2.79 -41.97
C ILE D 47 -28.52 -3.99 -41.06
N GLN D 48 -28.99 -5.08 -41.66
CA GLN D 48 -29.30 -6.29 -40.92
C GLN D 48 -28.06 -6.79 -40.18
N ASP D 49 -26.93 -6.80 -40.87
CA ASP D 49 -25.65 -7.22 -40.26
C ASP D 49 -25.23 -6.27 -39.13
N LEU D 50 -25.53 -4.98 -39.28
CA LEU D 50 -25.16 -4.03 -38.24
C LEU D 50 -26.06 -4.23 -37.01
N GLU D 51 -27.34 -4.53 -37.23
CA GLU D 51 -28.24 -4.76 -36.10
C GLU D 51 -27.72 -5.97 -35.30
N LYS D 52 -27.23 -7.00 -36.00
CA LYS D 52 -26.68 -8.19 -35.35
C LYS D 52 -25.44 -7.80 -34.55
N TYR D 53 -24.61 -6.94 -35.11
CA TYR D 53 -23.42 -6.50 -34.39
C TYR D 53 -23.80 -5.70 -33.14
N VAL D 54 -24.80 -4.83 -33.26
CA VAL D 54 -25.22 -4.04 -32.09
C VAL D 54 -25.68 -5.01 -30.99
N GLU D 55 -26.48 -6.01 -31.35
CA GLU D 55 -26.96 -7.00 -30.39
C GLU D 55 -25.82 -7.73 -29.70
N ASP D 56 -24.87 -8.25 -30.47
CA ASP D 56 -23.73 -8.92 -29.86
C ASP D 56 -23.00 -8.01 -28.89
N THR D 57 -22.76 -6.77 -29.31
CA THR D 57 -22.06 -5.79 -28.49
C THR D 57 -22.82 -5.56 -27.17
N LYS D 58 -24.12 -5.36 -27.28
CA LYS D 58 -24.99 -5.14 -26.13
C LYS D 58 -25.01 -6.35 -25.21
N ILE D 59 -25.27 -7.52 -25.78
CA ILE D 59 -25.35 -8.75 -25.00
C ILE D 59 -24.05 -9.08 -24.30
N ASP D 60 -22.92 -8.86 -24.96
CA ASP D 60 -21.65 -9.14 -24.30
C ASP D 60 -21.41 -8.20 -23.10
N LEU D 61 -21.86 -6.95 -23.17
CA LEU D 61 -21.66 -6.05 -22.03
C LEU D 61 -22.59 -6.43 -20.86
N TRP D 62 -23.81 -6.81 -21.18
CA TRP D 62 -24.76 -7.24 -20.16
C TRP D 62 -24.30 -8.58 -19.55
N SER D 63 -23.71 -9.46 -20.37
CA SER D 63 -23.20 -10.75 -19.87
C SER D 63 -22.09 -10.46 -18.87
N TYR D 64 -21.26 -9.48 -19.22
CA TYR D 64 -20.18 -9.09 -18.34
C TYR D 64 -20.76 -8.55 -17.02
N ASN D 65 -21.81 -7.73 -17.10
CA ASN D 65 -22.39 -7.20 -15.87
C ASN D 65 -22.89 -8.33 -14.97
N ALA D 66 -23.59 -9.29 -15.57
CA ALA D 66 -24.12 -10.39 -14.77
C ALA D 66 -22.98 -11.19 -14.18
N GLU D 67 -21.95 -11.45 -14.98
CA GLU D 67 -20.82 -12.22 -14.52
C GLU D 67 -20.10 -11.54 -13.35
N LEU D 68 -19.96 -10.21 -13.39
CA LEU D 68 -19.31 -9.50 -12.29
C LEU D 68 -20.19 -9.60 -11.03
N LEU D 69 -21.51 -9.51 -11.18
CA LEU D 69 -22.34 -9.65 -9.97
C LEU D 69 -22.11 -11.01 -9.32
N VAL D 70 -22.14 -12.08 -10.10
CA VAL D 70 -21.93 -13.43 -9.56
C VAL D 70 -20.53 -13.57 -8.96
N ALA D 71 -19.52 -12.97 -9.57
CA ALA D 71 -18.17 -13.07 -9.03
C ALA D 71 -18.08 -12.35 -7.69
N LEU D 72 -18.73 -11.21 -7.57
CA LEU D 72 -18.70 -10.49 -6.31
C LEU D 72 -19.44 -11.29 -5.25
N GLU D 73 -20.56 -11.90 -5.64
CA GLU D 73 -21.30 -12.69 -4.67
C GLU D 73 -20.45 -13.90 -4.25
N ASN D 74 -19.86 -14.60 -5.22
CA ASN D 74 -19.04 -15.77 -4.93
C ASN D 74 -17.87 -15.47 -3.97
N GLN D 75 -17.40 -14.24 -3.99
CA GLN D 75 -16.29 -13.80 -3.14
C GLN D 75 -16.86 -13.20 -1.83
N HIS D 76 -18.15 -13.41 -1.62
CA HIS D 76 -18.81 -12.90 -0.42
C HIS D 76 -18.66 -11.40 -0.19
N THR D 77 -18.75 -10.64 -1.27
CA THR D 77 -18.67 -9.18 -1.20
C THR D 77 -20.09 -8.61 -1.29
N ILE D 78 -20.96 -9.34 -1.99
CA ILE D 78 -22.37 -8.94 -2.12
C ILE D 78 -23.27 -10.18 -2.07
N ASP D 79 -24.55 -9.94 -1.81
CA ASP D 79 -25.59 -10.97 -1.71
C ASP D 79 -26.63 -10.54 -2.75
N LEU D 80 -26.74 -11.30 -3.83
CA LEU D 80 -27.67 -10.98 -4.89
C LEU D 80 -29.15 -11.01 -4.52
N THR D 81 -29.46 -11.45 -3.31
CA THR D 81 -30.87 -11.46 -2.90
C THR D 81 -31.19 -10.21 -2.08
N ASP D 82 -30.16 -9.46 -1.69
CA ASP D 82 -30.33 -8.22 -0.94
C ASP D 82 -31.09 -7.28 -1.89
N SER D 83 -31.97 -6.45 -1.35
CA SER D 83 -32.78 -5.56 -2.20
C SER D 83 -32.11 -4.78 -3.34
N GLU D 84 -31.15 -3.92 -3.02
CA GLU D 84 -30.53 -3.16 -4.09
C GLU D 84 -29.81 -4.03 -5.10
N MET D 85 -29.05 -4.99 -4.61
CA MET D 85 -28.31 -5.88 -5.49
C MET D 85 -29.25 -6.72 -6.35
N ASN D 86 -30.42 -7.12 -5.83
CA ASN D 86 -31.33 -7.94 -6.65
C ASN D 86 -31.89 -7.15 -7.83
N LYS D 87 -32.11 -5.85 -7.62
CA LYS D 87 -32.60 -5.01 -8.71
C LYS D 87 -31.55 -4.95 -9.81
N LEU D 88 -30.28 -4.89 -9.42
CA LEU D 88 -29.22 -4.85 -10.43
C LEU D 88 -29.22 -6.20 -11.14
N PHE D 89 -29.25 -7.29 -10.37
CA PHE D 89 -29.24 -8.62 -10.95
C PHE D 89 -30.44 -8.81 -11.90
N GLU D 90 -31.61 -8.28 -11.53
CA GLU D 90 -32.80 -8.39 -12.39
C GLU D 90 -32.66 -7.59 -13.69
N LYS D 91 -31.98 -6.45 -13.62
CA LYS D 91 -31.78 -5.66 -14.82
C LYS D 91 -30.96 -6.47 -15.83
N THR D 92 -29.94 -7.16 -15.34
CA THR D 92 -29.11 -7.96 -16.25
C THR D 92 -29.96 -9.11 -16.80
N ARG D 93 -30.78 -9.73 -15.95
CA ARG D 93 -31.61 -10.84 -16.39
C ARG D 93 -32.59 -10.41 -17.48
N ARG D 94 -33.24 -9.27 -17.27
CA ARG D 94 -34.20 -8.74 -18.24
C ARG D 94 -33.54 -8.27 -19.53
N GLN D 95 -32.37 -7.65 -19.41
CA GLN D 95 -31.70 -7.17 -20.60
C GLN D 95 -31.20 -8.35 -21.42
N LEU D 96 -30.75 -9.41 -20.77
CA LEU D 96 -30.26 -10.59 -21.49
C LEU D 96 -31.38 -11.54 -21.82
N ARG D 97 -32.59 -11.18 -21.41
CA ARG D 97 -33.73 -12.05 -21.63
C ARG D 97 -33.33 -13.45 -21.19
N GLU D 98 -32.68 -13.52 -20.04
CA GLU D 98 -32.24 -14.80 -19.45
C GLU D 98 -32.55 -14.85 -17.96
N ASN D 99 -32.60 -16.08 -17.44
CA ASN D 99 -32.81 -16.30 -16.02
C ASN D 99 -31.43 -16.68 -15.43
N ALA D 100 -31.32 -16.66 -14.09
CA ALA D 100 -30.05 -16.97 -13.42
C ALA D 100 -29.44 -18.32 -13.81
N GLU D 101 -30.30 -19.29 -14.08
CA GLU D 101 -29.87 -20.62 -14.48
C GLU D 101 -29.18 -20.61 -15.84
N GLU D 102 -29.81 -19.93 -16.80
CA GLU D 102 -29.26 -19.83 -18.15
C GLU D 102 -27.92 -19.11 -18.13
N MET D 103 -27.80 -18.10 -17.27
CA MET D 103 -26.56 -17.31 -17.16
C MET D 103 -25.42 -18.13 -16.58
N GLY D 104 -25.71 -18.88 -15.52
CA GLY D 104 -24.71 -19.71 -14.87
C GLY D 104 -24.25 -20.87 -15.73
N ASN D 105 -25.23 -21.64 -16.22
CA ASN D 105 -24.98 -22.80 -17.08
C ASN D 105 -24.22 -22.43 -18.37
N GLY D 106 -24.56 -21.28 -18.97
CA GLY D 106 -23.90 -20.84 -20.20
C GLY D 106 -22.60 -20.07 -19.99
N SER D 107 -22.22 -19.91 -18.73
CA SER D 107 -20.99 -19.19 -18.38
C SER D 107 -20.97 -17.74 -18.87
N PHE D 108 -22.14 -17.10 -18.93
CA PHE D 108 -22.20 -15.70 -19.35
C PHE D 108 -21.62 -15.44 -20.75
N LYS D 109 -21.73 -16.45 -21.60
CA LYS D 109 -21.22 -16.35 -22.96
C LYS D 109 -22.32 -16.78 -23.92
N ILE D 110 -22.68 -15.83 -24.77
CA ILE D 110 -23.73 -15.99 -25.76
C ILE D 110 -23.16 -16.00 -27.19
N TYR D 111 -23.57 -16.99 -28.00
CA TYR D 111 -23.11 -17.04 -29.39
C TYR D 111 -23.34 -15.72 -30.13
N HIS D 112 -22.33 -15.27 -30.87
CA HIS D 112 -22.44 -14.02 -31.64
C HIS D 112 -23.37 -14.20 -32.84
N LYS D 113 -24.21 -13.21 -33.09
CA LYS D 113 -25.09 -13.26 -34.23
C LYS D 113 -24.37 -12.71 -35.48
N CYS D 114 -23.29 -11.96 -35.26
CA CYS D 114 -22.53 -11.36 -36.35
C CYS D 114 -21.17 -12.02 -36.37
N ASP D 115 -20.97 -12.89 -37.36
CA ASP D 115 -19.71 -13.61 -37.48
C ASP D 115 -18.62 -12.72 -38.04
N ASN D 116 -17.44 -13.28 -38.23
CA ASN D 116 -16.33 -12.50 -38.73
C ASN D 116 -16.55 -11.85 -40.09
N ALA D 117 -17.28 -12.53 -40.96
CA ALA D 117 -17.59 -12.00 -42.28
C ALA D 117 -18.51 -10.79 -42.10
N CYS D 118 -19.50 -10.97 -41.23
CA CYS D 118 -20.45 -9.92 -40.93
C CYS D 118 -19.68 -8.70 -40.40
N ILE D 119 -18.79 -8.92 -39.45
CA ILE D 119 -17.99 -7.84 -38.87
C ILE D 119 -17.17 -7.16 -39.99
N GLU D 120 -16.52 -7.96 -40.82
CA GLU D 120 -15.71 -7.43 -41.93
C GLU D 120 -16.54 -6.55 -42.85
N SER D 121 -17.72 -7.05 -43.22
CA SER D 121 -18.61 -6.31 -44.09
C SER D 121 -19.09 -4.97 -43.50
N ILE D 122 -19.56 -4.94 -42.26
CA ILE D 122 -20.04 -3.66 -41.71
C ILE D 122 -18.89 -2.67 -41.54
N ARG D 123 -17.67 -3.15 -41.55
CA ARG D 123 -16.51 -2.29 -41.42
C ARG D 123 -15.97 -1.82 -42.76
N ASN D 124 -15.70 -2.78 -43.63
CA ASN D 124 -15.10 -2.53 -44.93
C ASN D 124 -15.86 -2.95 -46.18
N GLY D 125 -17.12 -3.33 -46.04
CA GLY D 125 -17.85 -3.77 -47.21
C GLY D 125 -18.02 -2.71 -48.29
N THR D 126 -17.86 -3.09 -49.55
CA THR D 126 -18.04 -2.13 -50.64
C THR D 126 -19.44 -2.36 -51.16
N TYR D 127 -19.85 -1.53 -52.09
CA TYR D 127 -21.17 -1.62 -52.69
C TYR D 127 -21.09 -1.61 -54.20
N ASP D 128 -22.05 -2.27 -54.83
CA ASP D 128 -22.14 -2.29 -56.28
C ASP D 128 -22.99 -1.05 -56.57
N HIS D 129 -22.27 0.07 -56.65
CA HIS D 129 -22.81 1.40 -56.87
C HIS D 129 -22.71 1.81 -58.33
N ASP D 130 -23.79 1.58 -59.07
CA ASP D 130 -23.83 1.92 -60.49
C ASP D 130 -23.99 3.41 -60.71
N VAL D 131 -23.21 3.92 -61.66
CA VAL D 131 -23.27 5.32 -62.02
C VAL D 131 -23.79 5.32 -63.46
N TYR D 132 -25.01 5.82 -63.63
CA TYR D 132 -25.69 5.88 -64.92
C TYR D 132 -24.95 6.72 -65.96
N ARG D 133 -24.97 6.23 -67.19
CA ARG D 133 -24.34 6.95 -68.30
C ARG D 133 -25.43 7.80 -68.96
N ASP D 134 -25.32 9.11 -68.83
CA ASP D 134 -26.33 10.00 -69.40
C ASP D 134 -26.62 9.66 -70.86
N GLU D 135 -27.90 9.70 -71.21
CA GLU D 135 -28.34 9.43 -72.57
C GLU D 135 -28.50 10.81 -73.20
N ALA D 136 -27.92 10.99 -74.38
CA ALA D 136 -27.99 12.26 -75.11
C ALA D 136 -29.41 12.50 -75.59
N LEU D 137 -29.82 13.76 -75.70
CA LEU D 137 -31.16 14.07 -76.19
C LEU D 137 -31.24 13.62 -77.66
N ASN D 138 -32.45 13.40 -78.17
CA ASN D 138 -32.59 12.97 -79.55
C ASN D 138 -32.73 14.17 -80.47
N ASN D 139 -31.93 14.23 -81.53
CA ASN D 139 -31.99 15.34 -82.49
C ASN D 139 -33.28 15.30 -83.30
N ARG D 140 -33.65 16.45 -83.86
CA ARG D 140 -34.85 16.53 -84.68
C ARG D 140 -34.54 16.01 -86.07
N PHE D 141 -35.34 15.06 -86.54
CA PHE D 141 -35.14 14.49 -87.88
C PHE D 141 -36.02 15.26 -88.83
N GLN D 142 -35.43 15.80 -89.89
CA GLN D 142 -36.19 16.55 -90.87
C GLN D 142 -36.72 15.68 -92.01
N ILE D 143 -38.02 15.42 -91.98
CA ILE D 143 -38.68 14.59 -92.99
C ILE D 143 -38.73 15.29 -94.33
N LYS D 144 -38.49 14.53 -95.41
CA LYS D 144 -38.51 15.08 -96.75
C LYS D 144 -39.92 15.00 -97.32
N GLY D 145 -40.32 16.01 -98.09
CA GLY D 145 -41.64 16.00 -98.66
C GLY D 145 -41.60 15.60 -100.12
N VAL D 146 -42.77 15.28 -100.68
CA VAL D 146 -42.88 14.93 -102.09
C VAL D 146 -44.06 15.68 -102.67
N GLU D 147 -43.92 16.14 -103.90
CA GLU D 147 -44.98 16.87 -104.57
C GLU D 147 -45.93 15.84 -105.16
N LEU D 148 -47.16 15.83 -104.69
CA LEU D 148 -48.16 14.87 -105.15
C LEU D 148 -48.72 15.33 -106.49
N GLY E 3 -57.54 6.51 -99.28
CA GLY E 3 -56.07 6.37 -99.45
C GLY E 3 -55.34 7.70 -99.49
N GLN E 4 -55.64 8.58 -98.56
CA GLN E 4 -55.01 9.91 -98.50
C GLN E 4 -53.53 9.86 -98.10
N ALA E 5 -52.76 10.82 -98.61
CA ALA E 5 -51.33 10.91 -98.29
C ALA E 5 -51.13 11.74 -97.02
N ALA E 6 -50.14 11.39 -96.20
CA ALA E 6 -49.86 12.14 -94.98
C ALA E 6 -49.27 13.50 -95.32
N ASP E 7 -49.83 14.56 -94.74
CA ASP E 7 -49.32 15.89 -94.99
C ASP E 7 -47.93 15.99 -94.40
N LEU E 8 -46.99 16.60 -95.12
CA LEU E 8 -45.63 16.73 -94.63
C LEU E 8 -45.52 17.48 -93.30
N LYS E 9 -45.97 18.73 -93.28
CA LYS E 9 -45.89 19.54 -92.07
C LYS E 9 -46.48 18.88 -90.84
N SER E 10 -47.65 18.29 -91.01
CA SER E 10 -48.34 17.62 -89.92
C SER E 10 -47.58 16.40 -89.42
N THR E 11 -47.03 15.62 -90.35
CA THR E 11 -46.28 14.44 -89.95
C THR E 11 -45.03 14.86 -89.18
N GLN E 12 -44.37 15.92 -89.64
CA GLN E 12 -43.17 16.42 -88.97
C GLN E 12 -43.55 16.89 -87.56
N ALA E 13 -44.74 17.47 -87.46
CA ALA E 13 -45.28 17.98 -86.21
C ALA E 13 -45.52 16.82 -85.23
N ALA E 14 -46.10 15.74 -85.74
CA ALA E 14 -46.39 14.57 -84.91
C ALA E 14 -45.08 13.97 -84.40
N ILE E 15 -44.08 13.95 -85.27
CA ILE E 15 -42.77 13.43 -84.91
C ILE E 15 -42.07 14.35 -83.89
N ASP E 16 -42.15 15.66 -84.10
CA ASP E 16 -41.52 16.59 -83.17
C ASP E 16 -42.19 16.53 -81.81
N GLN E 17 -43.49 16.27 -81.78
CA GLN E 17 -44.19 16.20 -80.52
C GLN E 17 -43.73 14.96 -79.74
N ILE E 18 -43.58 13.82 -80.42
CA ILE E 18 -43.12 12.61 -79.75
C ILE E 18 -41.68 12.82 -79.29
N ASN E 19 -40.87 13.41 -80.17
CA ASN E 19 -39.47 13.65 -79.85
C ASN E 19 -39.25 14.54 -78.65
N GLY E 20 -40.09 15.57 -78.53
CA GLY E 20 -39.99 16.49 -77.43
C GLY E 20 -40.33 15.80 -76.12
N LYS E 21 -41.35 14.94 -76.14
CA LYS E 21 -41.70 14.23 -74.92
C LYS E 21 -40.58 13.24 -74.60
N LEU E 22 -40.09 12.50 -75.59
CA LEU E 22 -39.00 11.56 -75.32
C LEU E 22 -37.80 12.27 -74.70
N ASN E 23 -37.48 13.46 -75.22
CA ASN E 23 -36.35 14.22 -74.69
C ASN E 23 -36.56 14.70 -73.26
N ARG E 24 -37.80 14.99 -72.88
CA ARG E 24 -38.05 15.39 -71.50
C ARG E 24 -37.81 14.15 -70.64
N VAL E 25 -38.24 12.99 -71.14
CA VAL E 25 -38.05 11.74 -70.40
C VAL E 25 -36.56 11.46 -70.23
N ILE E 26 -35.79 11.67 -71.28
CA ILE E 26 -34.37 11.44 -71.19
C ILE E 26 -33.72 12.37 -70.14
N GLU E 27 -33.98 13.67 -70.22
CA GLU E 27 -33.37 14.57 -69.24
C GLU E 27 -33.78 14.28 -67.83
N LYS E 28 -35.06 14.03 -67.61
CA LYS E 28 -35.53 13.76 -66.28
C LYS E 28 -35.03 12.45 -65.70
N THR E 29 -34.93 11.40 -66.53
CA THR E 29 -34.41 10.13 -66.01
C THR E 29 -32.91 10.28 -65.77
N ASN E 30 -32.22 10.99 -66.66
CA ASN E 30 -30.79 11.20 -66.47
C ASN E 30 -30.60 11.81 -65.07
N GLU E 31 -31.28 12.93 -64.83
CA GLU E 31 -31.19 13.65 -63.56
C GLU E 31 -31.61 12.86 -62.32
N LYS E 32 -32.74 12.16 -62.42
CA LYS E 32 -33.22 11.37 -61.30
C LYS E 32 -32.20 10.30 -60.93
N PHE E 33 -31.61 9.65 -61.94
CA PHE E 33 -30.66 8.62 -61.60
C PHE E 33 -29.49 9.16 -60.76
N HIS E 34 -29.02 10.38 -61.03
CA HIS E 34 -27.91 10.91 -60.24
C HIS E 34 -28.34 11.30 -58.82
N GLN E 35 -29.60 11.71 -58.66
CA GLN E 35 -30.09 12.02 -57.32
C GLN E 35 -30.13 10.70 -56.54
N ILE E 36 -30.59 9.63 -57.20
CA ILE E 36 -30.68 8.32 -56.56
C ILE E 36 -29.30 7.84 -56.16
N GLU E 37 -28.33 8.02 -57.05
CA GLU E 37 -26.97 7.60 -56.76
C GLU E 37 -26.45 8.40 -55.56
N LYS E 38 -26.76 9.69 -55.50
CA LYS E 38 -26.30 10.50 -54.38
C LYS E 38 -26.96 10.06 -53.08
N GLU E 39 -28.23 9.68 -53.14
CA GLU E 39 -28.88 9.27 -51.93
C GLU E 39 -28.29 7.95 -51.43
N PHE E 40 -27.95 7.04 -52.34
CA PHE E 40 -27.34 5.76 -51.92
C PHE E 40 -26.02 6.05 -51.18
N SER E 41 -25.24 7.00 -51.70
CA SER E 41 -23.97 7.33 -51.08
C SER E 41 -24.17 7.89 -49.69
N GLU E 42 -25.22 8.69 -49.52
CA GLU E 42 -25.47 9.24 -48.20
C GLU E 42 -25.92 8.15 -47.23
N VAL E 43 -26.80 7.26 -47.67
CA VAL E 43 -27.27 6.18 -46.81
C VAL E 43 -26.12 5.25 -46.43
N GLU E 44 -25.30 4.89 -47.39
CA GLU E 44 -24.17 4.01 -47.13
C GLU E 44 -23.17 4.65 -46.17
N GLY E 45 -22.95 5.95 -46.30
CA GLY E 45 -22.03 6.64 -45.40
C GLY E 45 -22.60 6.74 -44.01
N ARG E 46 -23.92 6.93 -43.92
CA ARG E 46 -24.58 7.03 -42.61
C ARG E 46 -24.42 5.69 -41.88
N ILE E 47 -24.51 4.59 -42.63
CA ILE E 47 -24.38 3.25 -42.04
C ILE E 47 -22.96 3.03 -41.52
N GLN E 48 -21.98 3.51 -42.27
CA GLN E 48 -20.58 3.41 -41.87
C GLN E 48 -20.33 4.24 -40.61
N ASP E 49 -20.88 5.45 -40.57
CA ASP E 49 -20.72 6.31 -39.40
C ASP E 49 -21.35 5.67 -38.16
N LEU E 50 -22.55 5.12 -38.31
CA LEU E 50 -23.19 4.47 -37.17
C LEU E 50 -22.34 3.29 -36.69
N GLU E 51 -21.82 2.50 -37.62
CA GLU E 51 -20.99 1.37 -37.23
C GLU E 51 -19.80 1.86 -36.40
N LYS E 52 -19.20 2.97 -36.80
CA LYS E 52 -18.06 3.49 -36.03
C LYS E 52 -18.49 4.03 -34.68
N TYR E 53 -19.68 4.64 -34.62
CA TYR E 53 -20.18 5.15 -33.35
C TYR E 53 -20.43 3.98 -32.37
N VAL E 54 -20.92 2.86 -32.89
CA VAL E 54 -21.16 1.68 -32.05
C VAL E 54 -19.82 1.19 -31.50
N GLU E 55 -18.80 1.15 -32.35
CA GLU E 55 -17.50 0.69 -31.84
C GLU E 55 -16.97 1.60 -30.72
N ASP E 56 -17.14 2.92 -30.89
CA ASP E 56 -16.70 3.89 -29.87
C ASP E 56 -17.51 3.72 -28.57
N THR E 57 -18.83 3.56 -28.70
CA THR E 57 -19.71 3.37 -27.54
C THR E 57 -19.22 2.12 -26.82
N LYS E 58 -18.91 1.09 -27.60
CA LYS E 58 -18.41 -0.18 -27.08
C LYS E 58 -17.10 -0.04 -26.33
N ILE E 59 -16.09 0.56 -26.97
CA ILE E 59 -14.83 0.66 -26.27
C ILE E 59 -14.94 1.54 -25.02
N ASP E 60 -15.75 2.59 -25.03
CA ASP E 60 -15.84 3.41 -23.82
C ASP E 60 -16.43 2.64 -22.63
N LEU E 61 -17.40 1.76 -22.89
CA LEU E 61 -17.99 0.97 -21.81
C LEU E 61 -16.98 -0.07 -21.34
N TRP E 62 -16.26 -0.69 -22.26
CA TRP E 62 -15.29 -1.67 -21.81
C TRP E 62 -14.13 -1.03 -21.05
N SER E 63 -13.77 0.20 -21.43
CA SER E 63 -12.69 0.89 -20.72
C SER E 63 -13.12 1.15 -19.28
N TYR E 64 -14.37 1.56 -19.13
CA TYR E 64 -14.91 1.80 -17.81
C TYR E 64 -14.87 0.50 -17.00
N ASN E 65 -15.26 -0.61 -17.61
CA ASN E 65 -15.25 -1.89 -16.90
C ASN E 65 -13.86 -2.16 -16.36
N ALA E 66 -12.85 -1.96 -17.20
CA ALA E 66 -11.47 -2.19 -16.80
C ALA E 66 -11.08 -1.28 -15.64
N GLU E 67 -11.50 -0.02 -15.72
CA GLU E 67 -11.15 0.93 -14.69
C GLU E 67 -11.78 0.61 -13.34
N LEU E 68 -12.99 0.06 -13.37
CA LEU E 68 -13.66 -0.30 -12.13
C LEU E 68 -12.89 -1.45 -11.49
N LEU E 69 -12.49 -2.45 -12.27
CA LEU E 69 -11.74 -3.56 -11.68
C LEU E 69 -10.44 -3.09 -11.03
N VAL E 70 -9.71 -2.19 -11.70
CA VAL E 70 -8.46 -1.70 -11.12
C VAL E 70 -8.70 -0.98 -9.80
N ALA E 71 -9.75 -0.17 -9.74
CA ALA E 71 -10.10 0.57 -8.52
C ALA E 71 -10.52 -0.33 -7.37
N LEU E 72 -11.30 -1.38 -7.67
CA LEU E 72 -11.74 -2.32 -6.64
C LEU E 72 -10.51 -3.09 -6.15
N GLU E 73 -9.62 -3.46 -7.08
CA GLU E 73 -8.38 -4.17 -6.75
C GLU E 73 -7.52 -3.25 -5.86
N ASN E 74 -7.23 -2.04 -6.34
CA ASN E 74 -6.43 -1.11 -5.56
C ASN E 74 -6.99 -0.90 -4.16
N GLN E 75 -8.32 -0.94 -4.04
CA GLN E 75 -8.95 -0.74 -2.74
C GLN E 75 -9.05 -2.09 -2.01
N HIS E 76 -8.45 -3.13 -2.58
CA HIS E 76 -8.49 -4.47 -1.98
C HIS E 76 -9.91 -5.00 -1.77
N THR E 77 -10.84 -4.59 -2.62
CA THR E 77 -12.19 -5.09 -2.49
C THR E 77 -12.31 -6.40 -3.26
N ILE E 78 -11.44 -6.58 -4.25
CA ILE E 78 -11.41 -7.83 -5.01
C ILE E 78 -9.95 -8.18 -5.15
N ASP E 79 -9.68 -9.43 -5.51
CA ASP E 79 -8.31 -9.86 -5.71
C ASP E 79 -8.28 -10.39 -7.13
N LEU E 80 -7.66 -9.63 -8.05
CA LEU E 80 -7.63 -10.09 -9.43
C LEU E 80 -6.88 -11.41 -9.62
N THR E 81 -6.49 -12.05 -8.52
CA THR E 81 -5.80 -13.33 -8.54
C THR E 81 -6.80 -14.48 -8.62
N ASP E 82 -7.93 -14.33 -7.93
CA ASP E 82 -8.99 -15.35 -7.93
C ASP E 82 -9.30 -15.62 -9.40
N SER E 83 -9.27 -16.90 -9.81
CA SER E 83 -9.53 -17.22 -11.21
C SER E 83 -10.78 -16.60 -11.80
N GLU E 84 -11.85 -16.51 -11.02
CA GLU E 84 -13.07 -15.92 -11.57
C GLU E 84 -12.94 -14.41 -11.81
N MET E 85 -12.30 -13.70 -10.88
CA MET E 85 -12.11 -12.26 -11.04
C MET E 85 -11.14 -12.00 -12.17
N ASN E 86 -10.17 -12.91 -12.32
CA ASN E 86 -9.19 -12.76 -13.36
C ASN E 86 -9.86 -12.91 -14.73
N LYS E 87 -10.90 -13.73 -14.83
CA LYS E 87 -11.57 -13.86 -16.12
C LYS E 87 -12.22 -12.52 -16.51
N LEU E 88 -12.82 -11.83 -15.55
CA LEU E 88 -13.47 -10.55 -15.84
C LEU E 88 -12.40 -9.56 -16.27
N PHE E 89 -11.27 -9.59 -15.59
CA PHE E 89 -10.18 -8.70 -15.94
C PHE E 89 -9.74 -8.98 -17.38
N GLU E 90 -9.61 -10.25 -17.76
CA GLU E 90 -9.21 -10.60 -19.13
C GLU E 90 -10.25 -10.15 -20.15
N LYS E 91 -11.53 -10.20 -19.80
CA LYS E 91 -12.54 -9.75 -20.76
C LYS E 91 -12.38 -8.25 -21.00
N THR E 92 -11.98 -7.48 -19.99
CA THR E 92 -11.83 -6.05 -20.22
C THR E 92 -10.52 -5.78 -20.94
N ARG E 93 -9.47 -6.51 -20.57
CA ARG E 93 -8.15 -6.35 -21.16
C ARG E 93 -8.09 -6.59 -22.67
N ARG E 94 -8.69 -7.67 -23.11
CA ARG E 94 -8.64 -7.99 -24.53
C ARG E 94 -9.39 -6.98 -25.37
N GLN E 95 -10.34 -6.24 -24.80
CA GLN E 95 -11.04 -5.22 -25.58
C GLN E 95 -10.09 -4.03 -25.75
N LEU E 96 -9.33 -3.71 -24.71
CA LEU E 96 -8.38 -2.61 -24.77
C LEU E 96 -7.25 -2.94 -25.75
N ARG E 97 -6.71 -4.16 -25.68
CA ARG E 97 -5.64 -4.58 -26.60
C ARG E 97 -6.10 -4.48 -28.05
N GLU E 98 -7.30 -4.98 -28.31
CA GLU E 98 -7.89 -4.96 -29.65
C GLU E 98 -8.14 -3.54 -30.16
N ASN E 99 -8.40 -2.59 -29.25
CA ASN E 99 -8.67 -1.21 -29.64
C ASN E 99 -7.46 -0.33 -29.91
N ALA E 100 -6.35 -0.61 -29.25
CA ALA E 100 -5.12 0.15 -29.46
C ALA E 100 -4.21 -0.57 -30.45
N GLU E 101 -4.66 -1.73 -30.92
CA GLU E 101 -3.90 -2.52 -31.90
C GLU E 101 -4.50 -2.39 -33.30
N GLU E 102 -5.10 -1.23 -33.58
CA GLU E 102 -5.70 -1.04 -34.90
C GLU E 102 -5.48 0.35 -35.47
N MET E 103 -5.29 1.33 -34.60
CA MET E 103 -5.06 2.70 -35.05
C MET E 103 -4.52 3.58 -33.95
N GLY E 104 -5.19 4.70 -33.70
CA GLY E 104 -4.74 5.62 -32.66
C GLY E 104 -3.30 6.04 -32.88
N ASN E 105 -2.85 5.99 -34.14
CA ASN E 105 -1.48 6.35 -34.50
C ASN E 105 -1.15 7.78 -34.08
N GLY E 106 -0.29 7.92 -33.08
CA GLY E 106 0.10 9.23 -32.59
C GLY E 106 -0.29 9.48 -31.15
N SER E 107 -1.50 9.07 -30.78
CA SER E 107 -2.01 9.23 -29.42
C SER E 107 -2.12 7.87 -28.74
N PHE E 108 -1.89 7.85 -27.43
CA PHE E 108 -1.92 6.62 -26.65
C PHE E 108 -3.28 6.33 -26.03
N LYS E 109 -3.57 5.04 -25.94
CA LYS E 109 -4.78 4.49 -25.36
C LYS E 109 -6.10 5.14 -25.69
N ILE E 110 -6.98 4.30 -26.24
CA ILE E 110 -8.35 4.59 -26.67
C ILE E 110 -8.53 5.52 -27.84
N TYR E 111 -8.60 4.89 -29.01
CA TYR E 111 -8.79 5.57 -30.27
C TYR E 111 -10.28 5.46 -30.59
N HIS E 112 -10.86 6.57 -31.05
CA HIS E 112 -12.27 6.59 -31.42
C HIS E 112 -12.30 6.67 -32.93
N LYS E 113 -13.24 5.96 -33.52
CA LYS E 113 -13.35 5.95 -34.97
C LYS E 113 -14.38 6.93 -35.52
N CYS E 114 -15.31 7.38 -34.68
CA CYS E 114 -16.34 8.32 -35.14
C CYS E 114 -16.09 9.71 -34.62
N ASP E 115 -15.47 10.54 -35.47
CA ASP E 115 -15.15 11.92 -35.11
C ASP E 115 -16.39 12.81 -35.07
N ASN E 116 -16.20 14.04 -34.65
CA ASN E 116 -17.30 15.00 -34.63
C ASN E 116 -17.74 14.97 -36.10
N ALA E 117 -18.99 15.30 -36.38
CA ALA E 117 -19.47 15.28 -37.76
C ALA E 117 -20.07 13.90 -37.96
N CYS E 118 -19.28 12.86 -37.71
CA CYS E 118 -19.77 11.49 -37.85
C CYS E 118 -20.88 11.42 -36.81
N ILE E 119 -20.62 12.02 -35.65
CA ILE E 119 -21.57 12.07 -34.54
C ILE E 119 -22.74 13.00 -34.91
N GLU E 120 -22.43 14.17 -35.49
CA GLU E 120 -23.50 15.11 -35.88
C GLU E 120 -24.37 14.49 -36.97
N SER E 121 -23.70 13.86 -37.93
CA SER E 121 -24.35 13.19 -39.05
C SER E 121 -25.36 12.18 -38.49
N ILE E 122 -24.93 11.39 -37.52
CA ILE E 122 -25.80 10.41 -36.90
C ILE E 122 -26.92 11.10 -36.12
N ARG E 123 -26.54 12.06 -35.28
CA ARG E 123 -27.50 12.80 -34.45
C ARG E 123 -28.51 13.62 -35.24
N ASN E 124 -28.03 14.62 -35.97
CA ASN E 124 -28.90 15.48 -36.74
C ASN E 124 -28.52 15.41 -38.21
N GLY E 125 -28.64 14.21 -38.78
CA GLY E 125 -28.32 14.02 -40.17
C GLY E 125 -29.56 13.85 -41.00
N THR E 126 -29.57 14.46 -42.16
CA THR E 126 -30.72 14.38 -43.05
C THR E 126 -30.31 13.56 -44.28
N TYR E 127 -31.25 13.40 -45.19
CA TYR E 127 -30.96 12.70 -46.42
C TYR E 127 -31.57 13.56 -47.52
N ASP E 128 -30.80 13.80 -48.56
CA ASP E 128 -31.28 14.58 -49.69
C ASP E 128 -32.16 13.65 -50.49
N HIS E 129 -33.40 13.54 -50.01
CA HIS E 129 -34.42 12.67 -50.57
C HIS E 129 -35.21 13.32 -51.71
N ASP E 130 -34.79 13.12 -52.95
CA ASP E 130 -35.48 13.70 -54.13
C ASP E 130 -36.79 13.00 -54.42
N VAL E 131 -37.85 13.78 -54.67
CA VAL E 131 -39.16 13.23 -55.02
C VAL E 131 -39.45 13.60 -56.49
N TYR E 132 -39.36 12.61 -57.37
CA TYR E 132 -39.59 12.81 -58.81
C TYR E 132 -40.90 13.51 -59.16
N ARG E 133 -40.86 14.38 -60.17
CA ARG E 133 -42.08 15.04 -60.60
C ARG E 133 -42.56 14.23 -61.79
N ASP E 134 -43.70 13.59 -61.62
CA ASP E 134 -44.28 12.77 -62.67
C ASP E 134 -44.37 13.45 -64.02
N GLU E 135 -44.05 12.71 -65.07
CA GLU E 135 -44.13 13.22 -66.42
C GLU E 135 -45.51 12.81 -66.94
N ALA E 136 -46.22 13.75 -67.55
CA ALA E 136 -47.54 13.49 -68.10
C ALA E 136 -47.41 12.61 -69.31
N LEU E 137 -48.45 11.85 -69.59
CA LEU E 137 -48.46 11.00 -70.76
C LEU E 137 -48.63 11.91 -71.97
N ASN E 138 -48.03 11.51 -73.09
CA ASN E 138 -48.11 12.24 -74.33
C ASN E 138 -49.49 12.03 -74.97
N ASN E 139 -50.12 13.12 -75.38
CA ASN E 139 -51.43 13.05 -76.02
C ASN E 139 -51.33 12.50 -77.43
N ARG E 140 -52.47 12.09 -77.99
CA ARG E 140 -52.52 11.56 -79.34
C ARG E 140 -52.49 12.69 -80.35
N PHE E 141 -51.50 12.68 -81.23
CA PHE E 141 -51.41 13.72 -82.26
C PHE E 141 -52.13 13.20 -83.50
N GLN E 142 -53.16 13.91 -83.96
CA GLN E 142 -53.92 13.49 -85.15
C GLN E 142 -53.38 14.16 -86.41
N ILE E 143 -52.62 13.40 -87.20
CA ILE E 143 -52.01 13.91 -88.42
C ILE E 143 -53.00 14.30 -89.52
N LYS E 144 -52.71 15.39 -90.23
CA LYS E 144 -53.56 15.83 -91.32
C LYS E 144 -53.19 15.20 -92.67
N GLY E 145 -54.19 14.92 -93.50
CA GLY E 145 -53.96 14.35 -94.82
C GLY E 145 -53.59 15.47 -95.77
N VAL E 146 -52.95 15.15 -96.89
CA VAL E 146 -52.51 16.13 -97.89
C VAL E 146 -53.53 17.17 -98.28
N GLU E 147 -53.08 18.43 -98.28
CA GLU E 147 -53.92 19.56 -98.63
C GLU E 147 -54.01 19.69 -100.16
N LEU E 148 -55.23 19.51 -100.68
CA LEU E 148 -55.47 19.62 -102.12
C LEU E 148 -56.37 20.80 -102.45
N GLY F 1 -34.57 7.64 -105.15
CA GLY F 1 -35.84 7.38 -104.42
C GLY F 1 -37.02 7.35 -105.37
N THR F 2 -38.07 6.63 -105.00
CA THR F 2 -39.25 6.54 -105.84
C THR F 2 -40.20 7.71 -105.66
N GLY F 3 -40.01 8.48 -104.60
CA GLY F 3 -40.89 9.61 -104.36
C GLY F 3 -42.28 9.21 -103.88
N GLN F 4 -42.46 7.95 -103.51
CA GLN F 4 -43.78 7.50 -103.01
C GLN F 4 -44.09 8.20 -101.68
N ALA F 5 -45.34 8.62 -101.48
CA ALA F 5 -45.75 9.30 -100.24
C ALA F 5 -46.27 8.31 -99.20
N ALA F 6 -46.17 8.70 -97.92
CA ALA F 6 -46.64 7.88 -96.83
C ALA F 6 -48.15 7.93 -96.76
N ASP F 7 -48.76 6.81 -96.42
CA ASP F 7 -50.20 6.73 -96.29
C ASP F 7 -50.59 7.36 -94.93
N LEU F 8 -51.57 8.26 -94.92
CA LEU F 8 -51.99 8.93 -93.69
C LEU F 8 -52.35 7.94 -92.59
N LYS F 9 -53.31 7.07 -92.90
CA LYS F 9 -53.81 6.08 -91.97
C LYS F 9 -52.69 5.24 -91.34
N SER F 10 -51.81 4.71 -92.18
CA SER F 10 -50.72 3.89 -91.68
C SER F 10 -49.74 4.75 -90.88
N THR F 11 -49.46 5.97 -91.34
CA THR F 11 -48.53 6.82 -90.61
C THR F 11 -49.14 7.13 -89.24
N GLN F 12 -50.45 7.37 -89.20
CA GLN F 12 -51.07 7.64 -87.92
C GLN F 12 -50.87 6.43 -87.00
N ALA F 13 -50.95 5.22 -87.56
CA ALA F 13 -50.79 4.03 -86.74
C ALA F 13 -49.37 3.86 -86.21
N ALA F 14 -48.36 4.19 -87.02
CA ALA F 14 -46.99 4.08 -86.54
C ALA F 14 -46.77 5.05 -85.36
N ILE F 15 -47.27 6.28 -85.52
CA ILE F 15 -47.18 7.31 -84.48
C ILE F 15 -47.90 6.82 -83.22
N ASP F 16 -49.13 6.34 -83.41
CA ASP F 16 -49.93 5.83 -82.30
C ASP F 16 -49.24 4.70 -81.56
N GLN F 17 -48.60 3.80 -82.29
CA GLN F 17 -47.91 2.70 -81.65
C GLN F 17 -46.69 3.16 -80.88
N ILE F 18 -45.92 4.10 -81.44
CA ILE F 18 -44.75 4.57 -80.69
C ILE F 18 -45.21 5.36 -79.47
N ASN F 19 -46.29 6.11 -79.62
CA ASN F 19 -46.77 6.90 -78.51
C ASN F 19 -47.29 6.03 -77.38
N GLY F 20 -47.88 4.89 -77.74
CA GLY F 20 -48.40 3.98 -76.74
C GLY F 20 -47.27 3.44 -75.88
N LYS F 21 -46.16 3.12 -76.53
CA LYS F 21 -44.99 2.58 -75.85
C LYS F 21 -44.33 3.65 -75.00
N LEU F 22 -44.24 4.87 -75.55
CA LEU F 22 -43.62 5.97 -74.82
C LEU F 22 -44.42 6.17 -73.55
N ASN F 23 -45.73 6.15 -73.66
CA ASN F 23 -46.56 6.31 -72.47
C ASN F 23 -46.44 5.15 -71.49
N ARG F 24 -46.14 3.94 -71.97
CA ARG F 24 -45.95 2.84 -71.02
C ARG F 24 -44.66 3.16 -70.26
N VAL F 25 -43.61 3.55 -70.97
CA VAL F 25 -42.35 3.89 -70.31
C VAL F 25 -42.54 5.04 -69.30
N ILE F 26 -43.30 6.05 -69.68
CA ILE F 26 -43.54 7.17 -68.77
C ILE F 26 -44.24 6.67 -67.50
N GLU F 27 -45.32 5.93 -67.67
CA GLU F 27 -46.07 5.41 -66.54
C GLU F 27 -45.24 4.49 -65.65
N LYS F 28 -44.45 3.62 -66.25
CA LYS F 28 -43.66 2.71 -65.45
C LYS F 28 -42.49 3.37 -64.75
N THR F 29 -41.94 4.42 -65.34
CA THR F 29 -40.84 5.11 -64.69
C THR F 29 -41.39 6.01 -63.58
N ASN F 30 -42.53 6.66 -63.83
CA ASN F 30 -43.14 7.50 -62.80
C ASN F 30 -43.36 6.58 -61.57
N GLU F 31 -44.02 5.44 -61.78
CA GLU F 31 -44.30 4.48 -60.70
C GLU F 31 -43.05 3.95 -60.02
N LYS F 32 -42.09 3.50 -60.81
CA LYS F 32 -40.86 2.96 -60.27
C LYS F 32 -40.13 3.97 -59.40
N PHE F 33 -40.01 5.20 -59.88
CA PHE F 33 -39.32 6.21 -59.10
C PHE F 33 -39.96 6.39 -57.74
N HIS F 34 -41.28 6.25 -57.68
CA HIS F 34 -41.98 6.39 -56.41
C HIS F 34 -41.69 5.18 -55.52
N GLN F 35 -41.56 4.00 -56.13
CA GLN F 35 -41.24 2.80 -55.35
C GLN F 35 -39.82 2.95 -54.78
N ILE F 36 -38.91 3.45 -55.61
CA ILE F 36 -37.52 3.67 -55.20
C ILE F 36 -37.53 4.66 -54.01
N GLU F 37 -38.24 5.76 -54.14
CA GLU F 37 -38.33 6.76 -53.07
C GLU F 37 -38.84 6.16 -51.75
N LYS F 38 -39.82 5.26 -51.86
CA LYS F 38 -40.41 4.61 -50.71
C LYS F 38 -39.42 3.69 -50.03
N GLU F 39 -38.66 2.96 -50.82
CA GLU F 39 -37.70 2.07 -50.21
C GLU F 39 -36.60 2.91 -49.55
N PHE F 40 -36.20 4.05 -50.15
CA PHE F 40 -35.20 4.90 -49.51
C PHE F 40 -35.72 5.34 -48.14
N SER F 41 -36.99 5.71 -48.08
CA SER F 41 -37.63 6.16 -46.83
C SER F 41 -37.66 5.08 -45.77
N GLU F 42 -37.86 3.84 -46.20
CA GLU F 42 -37.90 2.73 -45.26
C GLU F 42 -36.51 2.41 -44.77
N VAL F 43 -35.53 2.44 -45.68
CA VAL F 43 -34.15 2.18 -45.32
C VAL F 43 -33.64 3.26 -44.34
N GLU F 44 -33.90 4.52 -44.68
CA GLU F 44 -33.48 5.64 -43.85
C GLU F 44 -34.21 5.59 -42.49
N GLY F 45 -35.49 5.23 -42.50
CA GLY F 45 -36.22 5.13 -41.25
C GLY F 45 -35.66 4.03 -40.36
N ARG F 46 -35.16 2.96 -40.97
CA ARG F 46 -34.61 1.83 -40.22
C ARG F 46 -33.31 2.26 -39.58
N ILE F 47 -32.51 3.01 -40.32
CA ILE F 47 -31.25 3.52 -39.81
C ILE F 47 -31.54 4.47 -38.65
N GLN F 48 -32.50 5.37 -38.81
CA GLN F 48 -32.86 6.28 -37.73
C GLN F 48 -33.33 5.51 -36.50
N ASP F 49 -34.12 4.46 -36.71
CA ASP F 49 -34.59 3.65 -35.60
C ASP F 49 -33.41 2.95 -34.92
N LEU F 50 -32.49 2.38 -35.71
CA LEU F 50 -31.32 1.73 -35.14
C LEU F 50 -30.46 2.71 -34.33
N GLU F 51 -30.32 3.97 -34.79
CA GLU F 51 -29.55 4.97 -34.02
C GLU F 51 -30.23 5.19 -32.66
N LYS F 52 -31.55 5.33 -32.65
CA LYS F 52 -32.27 5.52 -31.39
C LYS F 52 -32.03 4.32 -30.47
N TYR F 53 -32.09 3.11 -31.03
CA TYR F 53 -31.89 1.88 -30.27
C TYR F 53 -30.48 1.80 -29.72
N VAL F 54 -29.49 2.24 -30.50
CA VAL F 54 -28.13 2.23 -30.00
C VAL F 54 -28.01 3.20 -28.83
N GLU F 55 -28.65 4.36 -28.93
CA GLU F 55 -28.61 5.34 -27.85
C GLU F 55 -29.23 4.80 -26.59
N ASP F 56 -30.40 4.19 -26.73
CA ASP F 56 -31.10 3.61 -25.59
C ASP F 56 -30.19 2.57 -24.97
N THR F 57 -29.61 1.74 -25.82
CA THR F 57 -28.71 0.67 -25.37
C THR F 57 -27.57 1.25 -24.55
N LYS F 58 -26.91 2.26 -25.09
CA LYS F 58 -25.82 2.93 -24.40
C LYS F 58 -26.24 3.54 -23.06
N ILE F 59 -27.33 4.31 -23.04
CA ILE F 59 -27.74 4.95 -21.79
C ILE F 59 -28.09 3.94 -20.71
N ASP F 60 -28.78 2.86 -21.09
CA ASP F 60 -29.12 1.86 -20.11
C ASP F 60 -27.87 1.23 -19.49
N LEU F 61 -26.83 1.00 -20.29
CA LEU F 61 -25.61 0.44 -19.75
C LEU F 61 -24.90 1.43 -18.82
N TRP F 62 -24.93 2.72 -19.15
CA TRP F 62 -24.28 3.69 -18.28
C TRP F 62 -25.08 3.90 -16.99
N SER F 63 -26.40 3.86 -17.10
CA SER F 63 -27.26 3.98 -15.94
C SER F 63 -26.90 2.85 -14.99
N TYR F 64 -26.81 1.63 -15.52
CA TYR F 64 -26.45 0.46 -14.71
C TYR F 64 -25.11 0.68 -14.01
N ASN F 65 -24.10 1.22 -14.71
CA ASN F 65 -22.81 1.46 -14.08
C ASN F 65 -22.97 2.40 -12.87
N ALA F 66 -23.76 3.46 -13.03
CA ALA F 66 -23.97 4.37 -11.91
C ALA F 66 -24.70 3.67 -10.79
N GLU F 67 -25.70 2.86 -11.13
CA GLU F 67 -26.45 2.19 -10.10
C GLU F 67 -25.60 1.21 -9.29
N LEU F 68 -24.66 0.51 -9.93
CA LEU F 68 -23.80 -0.42 -9.19
C LEU F 68 -22.91 0.33 -8.20
N LEU F 69 -22.37 1.49 -8.59
CA LEU F 69 -21.52 2.24 -7.68
C LEU F 69 -22.31 2.66 -6.45
N VAL F 70 -23.54 3.10 -6.67
CA VAL F 70 -24.38 3.52 -5.57
C VAL F 70 -24.73 2.36 -4.64
N ALA F 71 -25.11 1.22 -5.21
CA ALA F 71 -25.44 0.05 -4.38
C ALA F 71 -24.20 -0.34 -3.56
N LEU F 72 -23.02 -0.37 -4.17
CA LEU F 72 -21.83 -0.73 -3.42
C LEU F 72 -21.52 0.32 -2.35
N GLU F 73 -21.84 1.58 -2.63
CA GLU F 73 -21.56 2.61 -1.65
C GLU F 73 -22.52 2.49 -0.50
N ASN F 74 -23.79 2.27 -0.81
CA ASN F 74 -24.81 2.17 0.23
C ASN F 74 -24.52 1.06 1.22
N GLN F 75 -23.83 0.03 0.76
CA GLN F 75 -23.49 -1.14 1.58
C GLN F 75 -22.11 -0.96 2.24
N HIS F 76 -21.44 0.12 1.88
CA HIS F 76 -20.12 0.48 2.39
C HIS F 76 -18.98 -0.37 1.93
N THR F 77 -19.11 -0.92 0.73
CA THR F 77 -18.07 -1.73 0.18
C THR F 77 -17.03 -0.80 -0.44
N ILE F 78 -17.50 0.34 -0.92
CA ILE F 78 -16.63 1.35 -1.52
C ILE F 78 -17.05 2.71 -0.97
N ASP F 79 -16.12 3.67 -1.05
CA ASP F 79 -16.37 5.03 -0.60
C ASP F 79 -16.14 5.90 -1.85
N LEU F 80 -17.22 6.49 -2.35
CA LEU F 80 -17.18 7.31 -3.55
C LEU F 80 -16.44 8.63 -3.43
N THR F 81 -16.00 8.95 -2.22
CA THR F 81 -15.26 10.19 -2.03
C THR F 81 -13.79 9.83 -2.24
N ASP F 82 -13.48 8.54 -2.34
CA ASP F 82 -12.11 8.15 -2.62
C ASP F 82 -11.84 8.66 -4.04
N SER F 83 -10.66 9.23 -4.25
CA SER F 83 -10.32 9.80 -5.57
C SER F 83 -10.62 8.93 -6.78
N GLU F 84 -10.08 7.71 -6.79
CA GLU F 84 -10.28 6.80 -7.91
C GLU F 84 -11.76 6.45 -8.11
N MET F 85 -12.51 6.25 -7.03
CA MET F 85 -13.93 5.94 -7.13
C MET F 85 -14.76 7.13 -7.56
N ASN F 86 -14.43 8.33 -7.08
CA ASN F 86 -15.19 9.50 -7.51
C ASN F 86 -15.00 9.67 -9.03
N LYS F 87 -13.79 9.38 -9.52
CA LYS F 87 -13.52 9.48 -10.95
C LYS F 87 -14.46 8.58 -11.76
N LEU F 88 -14.69 7.37 -11.29
CA LEU F 88 -15.56 6.44 -12.01
C LEU F 88 -16.97 6.97 -11.98
N PHE F 89 -17.40 7.44 -10.82
CA PHE F 89 -18.74 7.96 -10.69
C PHE F 89 -18.95 9.14 -11.64
N GLU F 90 -17.95 9.99 -11.74
CA GLU F 90 -18.04 11.14 -12.62
C GLU F 90 -18.13 10.75 -14.08
N LYS F 91 -17.46 9.67 -14.47
CA LYS F 91 -17.56 9.22 -15.85
C LYS F 91 -18.99 8.83 -16.12
N THR F 92 -19.61 8.12 -15.17
CA THR F 92 -20.98 7.71 -15.41
C THR F 92 -21.91 8.93 -15.42
N ARG F 93 -21.66 9.90 -14.55
CA ARG F 93 -22.54 11.07 -14.56
C ARG F 93 -22.37 11.87 -15.82
N ARG F 94 -21.16 11.95 -16.33
CA ARG F 94 -20.95 12.72 -17.55
C ARG F 94 -21.75 12.09 -18.71
N GLN F 95 -21.77 10.77 -18.77
CA GLN F 95 -22.50 10.10 -19.85
C GLN F 95 -24.00 10.26 -19.65
N LEU F 96 -24.45 10.27 -18.41
CA LEU F 96 -25.87 10.39 -18.13
C LEU F 96 -26.43 11.79 -18.37
N ARG F 97 -25.67 12.80 -18.00
CA ARG F 97 -26.13 14.17 -18.21
C ARG F 97 -26.39 14.43 -19.70
N GLU F 98 -25.67 13.70 -20.56
CA GLU F 98 -25.80 13.80 -22.00
C GLU F 98 -27.18 13.36 -22.61
N ASN F 99 -27.76 12.21 -22.19
CA ASN F 99 -29.10 11.67 -22.65
C ASN F 99 -30.35 11.70 -21.73
N ALA F 100 -30.20 12.03 -20.43
CA ALA F 100 -31.32 12.10 -19.46
C ALA F 100 -31.37 13.46 -18.72
N GLU F 101 -32.11 13.59 -17.60
CA GLU F 101 -32.17 14.85 -16.80
C GLU F 101 -31.80 14.60 -15.33
N GLU F 102 -31.15 15.56 -14.66
CA GLU F 102 -30.74 15.39 -13.26
C GLU F 102 -31.83 15.62 -12.21
N MET F 103 -32.95 16.22 -12.62
CA MET F 103 -34.06 16.45 -11.72
C MET F 103 -33.82 17.48 -10.61
N GLY F 104 -32.63 17.44 -9.99
CA GLY F 104 -32.35 18.38 -8.93
C GLY F 104 -31.70 17.71 -7.73
N ASN F 105 -32.05 16.45 -7.48
CA ASN F 105 -31.47 15.71 -6.38
C ASN F 105 -30.34 14.82 -6.87
N GLY F 106 -29.73 15.23 -7.98
CA GLY F 106 -28.61 14.49 -8.56
C GLY F 106 -28.96 13.21 -9.28
N SER F 107 -30.23 12.81 -9.22
CA SER F 107 -30.67 11.58 -9.87
C SER F 107 -31.00 11.83 -11.33
N PHE F 108 -31.05 10.76 -12.11
CA PHE F 108 -31.35 10.88 -13.54
C PHE F 108 -32.58 10.09 -13.93
N LYS F 109 -33.37 10.66 -14.83
CA LYS F 109 -34.53 9.95 -15.32
C LYS F 109 -34.24 9.61 -16.76
N ILE F 110 -34.34 8.33 -17.09
CA ILE F 110 -34.06 7.86 -18.43
C ILE F 110 -35.31 7.75 -19.28
N TYR F 111 -35.24 8.26 -20.51
CA TYR F 111 -36.36 8.20 -21.43
C TYR F 111 -35.84 7.51 -22.70
N HIS F 112 -36.46 6.41 -23.08
CA HIS F 112 -36.05 5.67 -24.27
C HIS F 112 -36.48 6.45 -25.50
N LYS F 113 -35.69 6.36 -26.57
CA LYS F 113 -36.01 7.07 -27.79
C LYS F 113 -36.59 6.10 -28.82
N CYS F 114 -36.39 4.82 -28.57
CA CYS F 114 -36.88 3.77 -29.45
C CYS F 114 -37.99 3.01 -28.72
N ASP F 115 -39.23 3.28 -29.11
CA ASP F 115 -40.39 2.65 -28.48
C ASP F 115 -40.51 1.22 -28.98
N ASN F 116 -41.54 0.50 -28.55
CA ASN F 116 -41.69 -0.88 -28.96
C ASN F 116 -41.86 -1.08 -30.47
N ALA F 117 -42.46 -0.11 -31.15
CA ALA F 117 -42.66 -0.20 -32.60
C ALA F 117 -41.29 -0.19 -33.24
N CYS F 118 -40.48 0.76 -32.79
CA CYS F 118 -39.11 0.94 -33.25
C CYS F 118 -38.35 -0.36 -33.00
N ILE F 119 -38.42 -0.88 -31.77
CA ILE F 119 -37.72 -2.11 -31.44
C ILE F 119 -38.14 -3.25 -32.36
N GLU F 120 -39.44 -3.38 -32.61
CA GLU F 120 -39.98 -4.44 -33.47
C GLU F 120 -39.46 -4.32 -34.92
N SER F 121 -39.39 -3.09 -35.43
CA SER F 121 -38.91 -2.86 -36.79
C SER F 121 -37.49 -3.38 -36.92
N ILE F 122 -36.68 -3.13 -35.90
CA ILE F 122 -35.30 -3.57 -35.93
C ILE F 122 -35.22 -5.09 -35.92
N ARG F 123 -36.00 -5.72 -35.05
CA ARG F 123 -35.99 -7.17 -34.97
C ARG F 123 -36.71 -7.87 -36.13
N ASN F 124 -37.89 -7.41 -36.52
CA ASN F 124 -38.59 -8.12 -37.61
C ASN F 124 -38.99 -7.31 -38.84
N GLY F 125 -38.57 -6.05 -38.88
CA GLY F 125 -38.89 -5.19 -40.00
C GLY F 125 -38.37 -5.74 -41.32
N THR F 126 -39.12 -5.49 -42.38
CA THR F 126 -38.75 -5.95 -43.71
C THR F 126 -38.77 -4.70 -44.58
N TYR F 127 -38.50 -4.85 -45.87
CA TYR F 127 -38.48 -3.70 -46.75
C TYR F 127 -39.27 -3.92 -48.01
N ASP F 128 -40.22 -3.02 -48.30
CA ASP F 128 -40.98 -3.11 -49.53
C ASP F 128 -39.90 -2.90 -50.60
N HIS F 129 -39.57 -3.99 -51.29
CA HIS F 129 -38.55 -4.01 -52.31
C HIS F 129 -39.20 -4.28 -53.67
N ASP F 130 -39.48 -3.22 -54.43
CA ASP F 130 -40.11 -3.40 -55.73
C ASP F 130 -39.15 -3.98 -56.75
N VAL F 131 -39.60 -4.95 -57.52
CA VAL F 131 -38.76 -5.52 -58.56
C VAL F 131 -39.42 -5.11 -59.87
N TYR F 132 -38.71 -4.32 -60.67
CA TYR F 132 -39.23 -3.78 -61.93
C TYR F 132 -39.54 -4.82 -63.00
N ARG F 133 -40.68 -4.67 -63.64
CA ARG F 133 -41.09 -5.56 -64.74
C ARG F 133 -40.50 -4.96 -66.03
N ASP F 134 -39.43 -5.55 -66.54
CA ASP F 134 -38.83 -5.02 -67.77
C ASP F 134 -39.86 -4.73 -68.84
N GLU F 135 -39.63 -3.64 -69.57
CA GLU F 135 -40.50 -3.26 -70.67
C GLU F 135 -39.84 -3.87 -71.89
N ALA F 136 -40.65 -4.47 -72.75
CA ALA F 136 -40.13 -5.08 -73.97
C ALA F 136 -39.74 -4.00 -74.98
N LEU F 137 -38.72 -4.28 -75.79
CA LEU F 137 -38.30 -3.33 -76.81
C LEU F 137 -39.46 -3.13 -77.79
N ASN F 138 -39.51 -1.97 -78.43
CA ASN F 138 -40.59 -1.70 -79.37
C ASN F 138 -40.26 -2.21 -80.76
N ASN F 139 -41.19 -2.98 -81.34
CA ASN F 139 -41.01 -3.53 -82.69
C ASN F 139 -41.01 -2.45 -83.76
N ARG F 140 -40.48 -2.78 -84.92
CA ARG F 140 -40.46 -1.83 -86.02
C ARG F 140 -41.84 -1.85 -86.66
N PHE F 141 -42.36 -0.68 -87.00
CA PHE F 141 -43.66 -0.59 -87.65
C PHE F 141 -43.36 -0.14 -89.07
N GLN F 142 -43.77 -0.93 -90.05
CA GLN F 142 -43.52 -0.58 -91.44
C GLN F 142 -44.72 0.16 -91.98
N ILE F 143 -44.52 1.44 -92.26
CA ILE F 143 -45.56 2.29 -92.77
C ILE F 143 -45.84 1.95 -94.23
N LYS F 144 -47.11 2.01 -94.60
CA LYS F 144 -47.54 1.72 -95.96
C LYS F 144 -47.57 3.03 -96.74
N GLY F 145 -47.33 2.98 -98.04
CA GLY F 145 -47.35 4.19 -98.85
C GLY F 145 -48.64 4.32 -99.65
N VAL F 146 -48.85 5.46 -100.30
CA VAL F 146 -50.03 5.63 -101.14
C VAL F 146 -49.60 5.21 -102.54
N GLU F 147 -50.57 5.04 -103.43
CA GLU F 147 -50.28 4.65 -104.79
C GLU F 147 -50.30 5.86 -105.72
N LEU F 148 -50.75 6.99 -105.17
CA LEU F 148 -50.78 8.24 -105.91
C LEU F 148 -49.31 8.53 -106.20
N LYS F 149 -48.98 8.89 -107.43
CA LYS F 149 -47.59 9.17 -107.73
C LYS F 149 -47.39 10.60 -108.21
N SER F 150 -46.13 10.99 -108.27
CA SER F 150 -45.72 12.31 -108.73
C SER F 150 -44.25 12.16 -109.07
N GLY F 151 -44.06 11.49 -110.19
CA GLY F 151 -42.77 11.19 -110.75
C GLY F 151 -43.00 9.86 -111.45
N TYR F 152 -41.96 9.33 -112.05
CA TYR F 152 -42.10 8.07 -112.74
C TYR F 152 -42.29 6.91 -111.76
N LYS F 153 -43.31 6.10 -112.04
CA LYS F 153 -43.64 4.93 -111.23
C LYS F 153 -43.22 3.74 -112.11
N ASP F 154 -42.16 3.06 -111.72
CA ASP F 154 -41.64 1.96 -112.52
C ASP F 154 -42.53 0.72 -112.58
N TRP F 155 -42.38 -0.02 -113.67
CA TRP F 155 -43.11 -1.26 -113.90
C TRP F 155 -42.15 -2.41 -113.61
#